data_6UNC
#
_entry.id   6UNC
#
_cell.length_a   74.190
_cell.length_b   92.534
_cell.length_c   183.626
_cell.angle_alpha   90.000
_cell.angle_beta   90.000
_cell.angle_gamma   90.000
#
_symmetry.space_group_name_H-M   'P 21 21 21'
#
loop_
_entity.id
_entity.type
_entity.pdbx_description
1 polymer 'Metallophos domain-containing protein'
2 non-polymer 'MANGANESE (II) ION'
3 non-polymer 'FE (III) ION'
4 water water
#
_entity_poly.entity_id   1
_entity_poly.type   'polypeptide(L)'
_entity_poly.pdbx_seq_one_letter_code
;SNAVTWKGSGQETVGAEPTLWAISDLHTGHLGNKPVAESLYPSSPDDWLIVAGDVAERTDEIRWSLDLLRRRFAKVIWVP
GNHELWTTNRDP(MSE)QIFGRARYDYLVN(MSE)CDE(MSE)GVVTPEHPFPVWTERGGPATIVP(MSE)FLLYDYSFL
PEGANSKAEGVAIAKERNVVATDEFLLSPEPYPTRDAWCHERVAATRARLEQLDW(MSE)QPTVLVNHFPLLRQPCDALF
YPEFSLWCGTTKTADWHTRYNAVCSVYGHLHIPRTTWYDGVRFEEVSVGYPREWRRRKPYSWLRQVLPDPQYAPGYLNDF
GGHFVITPE(MSE)RTQ
;
_entity_poly.pdbx_strand_id   A,B,C,D
#
# COMPACT_ATOMS: atom_id res chain seq x y z
N GLY A 15 -5.42 47.79 9.63
CA GLY A 15 -6.36 48.06 8.56
C GLY A 15 -5.78 47.77 7.18
N ALA A 16 -5.83 46.49 6.79
CA ALA A 16 -5.25 45.95 5.56
C ALA A 16 -5.19 44.44 5.67
N GLU A 17 -6.31 43.82 6.00
CA GLU A 17 -6.27 42.37 6.23
C GLU A 17 -6.57 41.62 4.93
N PRO A 18 -5.85 40.53 4.69
CA PRO A 18 -5.98 39.79 3.43
C PRO A 18 -7.38 39.24 3.22
N THR A 19 -7.73 39.06 1.94
CA THR A 19 -9.03 38.55 1.54
C THR A 19 -8.86 37.53 0.43
N LEU A 20 -9.65 36.47 0.49
CA LEU A 20 -9.71 35.45 -0.53
C LEU A 20 -10.95 35.71 -1.38
N TRP A 21 -10.72 36.13 -2.64
CA TRP A 21 -11.77 36.45 -3.60
C TRP A 21 -11.96 35.32 -4.59
N ALA A 22 -13.04 35.40 -5.36
CA ALA A 22 -13.29 34.44 -6.43
C ALA A 22 -14.02 35.11 -7.58
N ILE A 23 -13.81 34.55 -8.77
CA ILE A 23 -14.46 35.01 -9.99
C ILE A 23 -14.37 33.89 -11.01
N SER A 24 -15.23 33.93 -12.03
CA SER A 24 -15.21 32.90 -13.06
C SER A 24 -15.86 33.43 -14.31
N ASP A 25 -15.74 32.65 -15.40
CA ASP A 25 -16.39 32.94 -16.67
C ASP A 25 -16.01 34.33 -17.18
N LEU A 26 -14.71 34.61 -17.19
CA LEU A 26 -14.23 35.89 -17.68
C LEU A 26 -14.44 36.04 -19.18
N HIS A 27 -14.22 34.97 -19.94
CA HIS A 27 -14.39 34.94 -21.39
C HIS A 27 -13.74 36.16 -22.04
N THR A 28 -12.44 36.31 -21.78
CA THR A 28 -11.73 37.53 -22.18
C THR A 28 -11.65 37.68 -23.69
N GLY A 29 -11.83 36.59 -24.44
CA GLY A 29 -11.78 36.69 -25.90
C GLY A 29 -12.91 37.49 -26.49
N HIS A 30 -14.05 37.56 -25.79
CA HIS A 30 -15.19 38.32 -26.28
C HIS A 30 -14.97 39.82 -26.05
N LEU A 31 -15.22 40.60 -27.09
CA LEU A 31 -15.00 42.04 -27.01
C LEU A 31 -15.92 42.65 -25.96
N GLY A 32 -15.31 43.32 -24.97
CA GLY A 32 -16.04 43.93 -23.88
C GLY A 32 -15.75 43.32 -22.53
N ASN A 33 -15.21 42.11 -22.48
CA ASN A 33 -14.86 41.46 -21.22
C ASN A 33 -13.40 41.64 -20.84
N LYS A 34 -12.58 42.21 -21.72
CA LYS A 34 -11.20 42.50 -21.42
C LYS A 34 -11.09 43.63 -20.39
N PRO A 35 -11.92 44.69 -20.48
CA PRO A 35 -11.90 45.67 -19.38
C PRO A 35 -12.29 45.09 -18.04
N VAL A 36 -13.25 44.18 -18.02
CA VAL A 36 -13.66 43.53 -16.76
C VAL A 36 -12.45 42.83 -16.13
N ALA A 37 -11.75 42.01 -16.91
CA ALA A 37 -10.56 41.34 -16.40
C ALA A 37 -9.49 42.35 -16.00
N GLU A 38 -9.39 43.47 -16.71
CA GLU A 38 -8.39 44.47 -16.39
C GLU A 38 -8.76 45.35 -15.21
N SER A 39 -9.99 45.22 -14.69
CA SER A 39 -10.42 45.98 -13.53
C SER A 39 -10.37 45.16 -12.24
N LEU A 40 -9.74 43.99 -12.27
CA LEU A 40 -9.65 43.11 -11.11
C LEU A 40 -8.39 43.47 -10.32
N TYR A 41 -8.59 44.06 -9.14
CA TYR A 41 -7.49 44.47 -8.27
C TYR A 41 -7.72 43.95 -6.86
N PRO A 42 -6.65 43.67 -6.13
CA PRO A 42 -6.80 43.25 -4.74
C PRO A 42 -7.05 44.44 -3.81
N SER A 43 -7.32 44.13 -2.55
CA SER A 43 -7.47 45.12 -1.50
C SER A 43 -6.30 45.13 -0.53
N SER A 44 -5.34 44.24 -0.71
CA SER A 44 -4.14 44.17 0.12
C SER A 44 -3.09 43.38 -0.64
N PRO A 45 -1.80 43.57 -0.33
CA PRO A 45 -0.76 42.82 -1.05
C PRO A 45 -0.74 41.33 -0.74
N ASP A 46 -1.66 40.82 0.08
CA ASP A 46 -1.70 39.41 0.45
C ASP A 46 -3.02 38.75 0.06
N ASP A 47 -3.72 39.29 -0.94
CA ASP A 47 -4.99 38.71 -1.36
C ASP A 47 -4.78 37.54 -2.31
N TRP A 48 -5.66 36.55 -2.20
CA TRP A 48 -5.71 35.42 -3.12
C TRP A 48 -6.94 35.54 -4.01
N LEU A 49 -6.81 35.05 -5.24
CA LEU A 49 -7.89 35.10 -6.21
C LEU A 49 -8.14 33.71 -6.76
N ILE A 50 -9.37 33.23 -6.62
CA ILE A 50 -9.82 31.98 -7.24
C ILE A 50 -10.43 32.33 -8.59
N VAL A 51 -10.01 31.61 -9.63
CA VAL A 51 -10.57 31.78 -10.97
C VAL A 51 -11.21 30.44 -11.34
N ALA A 52 -12.53 30.37 -11.24
CA ALA A 52 -13.24 29.09 -11.30
C ALA A 52 -13.73 28.76 -12.71
N GLY A 53 -12.83 28.82 -13.69
CA GLY A 53 -13.12 28.25 -14.99
C GLY A 53 -13.57 29.30 -16.01
N ASP A 54 -13.52 28.88 -17.28
CA ASP A 54 -13.96 29.70 -18.41
C ASP A 54 -13.24 31.04 -18.47
N VAL A 55 -11.92 31.00 -18.28
CA VAL A 55 -11.09 32.19 -18.47
C VAL A 55 -11.13 32.63 -19.92
N ALA A 56 -10.85 31.69 -20.83
CA ALA A 56 -10.88 31.92 -22.27
C ALA A 56 -10.82 30.56 -22.95
N GLU A 57 -10.78 30.57 -24.27
CA GLU A 57 -10.73 29.34 -25.06
C GLU A 57 -9.31 29.07 -25.58
N ARG A 58 -8.74 30.02 -26.31
CA ARG A 58 -7.42 29.85 -26.88
C ARG A 58 -6.35 29.91 -25.77
N THR A 59 -5.30 29.12 -25.95
CA THR A 59 -4.26 29.01 -24.93
C THR A 59 -3.58 30.35 -24.68
N ASP A 60 -3.36 31.14 -25.75
CA ASP A 60 -2.68 32.42 -25.57
C ASP A 60 -3.56 33.42 -24.83
N GLU A 61 -4.87 33.40 -25.08
CA GLU A 61 -5.77 34.27 -24.34
C GLU A 61 -5.83 33.88 -22.86
N ILE A 62 -5.89 32.58 -22.58
CA ILE A 62 -5.87 32.10 -21.21
C ILE A 62 -4.58 32.56 -20.53
N ARG A 63 -3.45 32.43 -21.22
CA ARG A 63 -2.18 32.86 -20.65
C ARG A 63 -2.16 34.36 -20.39
N TRP A 64 -2.69 35.15 -21.33
CA TRP A 64 -2.73 36.60 -21.14
C TRP A 64 -3.51 36.95 -19.90
N SER A 65 -4.69 36.36 -19.74
CA SER A 65 -5.53 36.69 -18.59
C SER A 65 -4.88 36.25 -17.28
N LEU A 66 -4.37 35.02 -17.24
CA LEU A 66 -3.77 34.53 -16.01
C LEU A 66 -2.49 35.28 -15.66
N ASP A 67 -1.73 35.71 -16.67
CA ASP A 67 -0.55 36.51 -16.41
C ASP A 67 -0.92 37.89 -15.87
N LEU A 68 -1.98 38.49 -16.43
CA LEU A 68 -2.45 39.77 -15.89
C LEU A 68 -2.88 39.62 -14.44
N LEU A 69 -3.54 38.51 -14.10
CA LEU A 69 -4.07 38.37 -12.74
C LEU A 69 -2.98 38.00 -11.74
N ARG A 70 -2.04 37.14 -12.11
CA ARG A 70 -1.02 36.71 -11.16
C ARG A 70 -0.01 37.81 -10.86
N ARG A 71 0.05 38.85 -11.69
CA ARG A 71 0.91 39.99 -11.40
C ARG A 71 0.27 41.00 -10.45
N ARG A 72 -1.01 40.83 -10.13
CA ARG A 72 -1.72 41.71 -9.22
C ARG A 72 -2.05 41.07 -7.88
N PHE A 73 -2.30 39.77 -7.86
CA PHE A 73 -2.67 39.05 -6.64
C PHE A 73 -1.49 38.22 -6.17
N ALA A 74 -1.39 38.07 -4.84
CA ALA A 74 -0.30 37.30 -4.26
C ALA A 74 -0.36 35.84 -4.68
N LYS A 75 -1.56 35.30 -4.89
CA LYS A 75 -1.71 33.91 -5.31
C LYS A 75 -2.99 33.79 -6.12
N VAL A 76 -2.90 33.10 -7.26
CA VAL A 76 -4.04 32.84 -8.13
C VAL A 76 -4.23 31.33 -8.20
N ILE A 77 -5.46 30.88 -7.95
CA ILE A 77 -5.82 29.47 -7.97
C ILE A 77 -6.79 29.25 -9.12
N TRP A 78 -6.33 28.55 -10.17
CA TRP A 78 -7.10 28.36 -11.38
C TRP A 78 -7.61 26.93 -11.49
N VAL A 79 -8.85 26.78 -11.95
CA VAL A 79 -9.43 25.48 -12.28
C VAL A 79 -10.00 25.60 -13.69
N PRO A 80 -9.93 24.56 -14.50
CA PRO A 80 -10.44 24.67 -15.87
C PRO A 80 -11.96 24.61 -15.93
N GLY A 81 -12.53 25.40 -16.83
CA GLY A 81 -13.90 25.24 -17.24
C GLY A 81 -13.98 24.43 -18.53
N ASN A 82 -15.20 24.33 -19.07
CA ASN A 82 -15.36 23.58 -20.29
C ASN A 82 -14.72 24.29 -21.48
N HIS A 83 -14.65 25.62 -21.44
CA HIS A 83 -14.15 26.37 -22.58
C HIS A 83 -12.64 26.30 -22.71
N GLU A 84 -11.90 26.23 -21.60
CA GLU A 84 -10.44 26.09 -21.69
C GLU A 84 -10.04 24.78 -22.37
N LEU A 85 -10.89 23.76 -22.29
CA LEU A 85 -10.61 22.48 -22.90
C LEU A 85 -11.09 22.39 -24.35
N TRP A 86 -11.67 23.45 -24.89
CA TRP A 86 -12.02 23.49 -26.30
C TRP A 86 -10.78 23.65 -27.15
N THR A 87 -10.75 22.96 -28.28
CA THR A 87 -9.68 23.13 -29.27
C THR A 87 -10.29 23.72 -30.53
N THR A 88 -10.14 25.03 -30.71
CA THR A 88 -10.64 25.72 -31.89
C THR A 88 -9.56 25.76 -32.97
N ASN A 89 -9.99 26.06 -34.19
CA ASN A 89 -9.05 26.09 -35.31
C ASN A 89 -8.07 27.24 -35.20
N ARG A 90 -8.45 28.33 -34.52
CA ARG A 90 -7.60 29.49 -34.36
C ARG A 90 -6.75 29.45 -33.09
N ASP A 91 -6.56 28.26 -32.52
CA ASP A 91 -5.72 28.12 -31.33
C ASP A 91 -4.28 27.84 -31.75
N PRO A 92 -3.31 28.64 -31.30
CA PRO A 92 -1.90 28.33 -31.62
C PRO A 92 -1.48 26.95 -31.15
N GLN A 94 -2.65 23.31 -31.05
CA GLN A 94 -3.61 22.31 -31.51
C GLN A 94 -3.43 21.02 -30.68
N ILE A 95 -3.80 21.13 -29.41
CA ILE A 95 -3.71 20.04 -28.45
C ILE A 95 -5.09 19.76 -27.91
N PHE A 96 -5.33 18.50 -27.55
CA PHE A 96 -6.66 18.02 -27.22
C PHE A 96 -6.64 17.25 -25.90
N GLY A 97 -7.78 17.27 -25.21
CA GLY A 97 -8.02 16.36 -24.10
C GLY A 97 -7.04 16.50 -22.95
N ARG A 98 -6.66 15.35 -22.40
CA ARG A 98 -5.79 15.32 -21.23
C ARG A 98 -4.45 15.96 -21.52
N ALA A 99 -3.94 15.84 -22.75
CA ALA A 99 -2.71 16.54 -23.11
C ALA A 99 -2.88 18.05 -23.01
N ARG A 100 -4.02 18.56 -23.49
CA ARG A 100 -4.28 19.99 -23.39
C ARG A 100 -4.40 20.43 -21.93
N TYR A 101 -5.07 19.63 -21.10
CA TYR A 101 -5.19 19.97 -19.69
C TYR A 101 -3.82 19.98 -19.00
N ASP A 102 -2.97 19.00 -19.32
CA ASP A 102 -1.63 18.97 -18.74
C ASP A 102 -0.80 20.15 -19.23
N TYR A 103 -0.97 20.55 -20.48
CA TYR A 103 -0.28 21.74 -20.99
C TYR A 103 -0.71 22.98 -20.22
N LEU A 104 -2.02 23.14 -19.99
CA LEU A 104 -2.51 24.29 -19.24
C LEU A 104 -1.99 24.28 -17.82
N VAL A 105 -1.94 23.10 -17.19
CA VAL A 105 -1.42 23.00 -15.83
C VAL A 105 0.05 23.38 -15.79
N ASN A 106 0.82 22.92 -16.77
CA ASN A 106 2.24 23.26 -16.82
C ASN A 106 2.44 24.76 -17.07
N CYS A 108 0.34 27.22 -16.13
CA CYS A 108 0.07 27.85 -14.85
C CYS A 108 1.23 27.67 -13.88
N ASP A 109 1.81 26.46 -13.85
CA ASP A 109 2.93 26.21 -12.94
C ASP A 109 4.12 27.07 -13.31
N GLU A 110 4.38 27.25 -14.61
CA GLU A 110 5.45 28.14 -15.03
C GLU A 110 5.18 29.59 -14.69
N GLY A 112 3.47 30.31 -11.85
CA GLY A 112 3.24 30.33 -10.42
C GLY A 112 1.78 30.29 -10.01
N VAL A 113 0.88 29.89 -10.91
CA VAL A 113 -0.54 29.78 -10.63
C VAL A 113 -0.84 28.38 -10.15
N VAL A 114 -1.64 28.27 -9.09
CA VAL A 114 -1.97 26.98 -8.51
C VAL A 114 -3.08 26.32 -9.32
N THR A 115 -2.93 25.02 -9.57
CA THR A 115 -3.87 24.23 -10.37
C THR A 115 -4.47 23.11 -9.51
N PRO A 116 -5.47 22.37 -10.01
CA PRO A 116 -5.93 21.18 -9.27
C PRO A 116 -4.86 20.13 -9.09
N GLU A 117 -3.76 20.19 -9.83
CA GLU A 117 -2.70 19.21 -9.72
C GLU A 117 -1.63 19.60 -8.71
N HIS A 118 -1.65 20.83 -8.21
CA HIS A 118 -0.74 21.27 -7.16
C HIS A 118 -1.23 20.81 -5.80
N PRO A 119 -0.40 20.88 -4.77
CA PRO A 119 -0.89 20.66 -3.41
C PRO A 119 -1.93 21.71 -3.05
N PHE A 120 -2.94 21.29 -2.29
CA PHE A 120 -4.03 22.16 -1.91
C PHE A 120 -3.51 23.34 -1.08
N PRO A 121 -3.73 24.58 -1.50
CA PRO A 121 -3.34 25.71 -0.66
C PRO A 121 -4.18 25.76 0.60
N VAL A 122 -3.63 26.39 1.64
CA VAL A 122 -4.28 26.51 2.93
C VAL A 122 -4.35 28.00 3.28
N TRP A 123 -5.57 28.50 3.42
CA TRP A 123 -5.79 29.88 3.86
C TRP A 123 -5.62 29.95 5.37
N THR A 124 -4.61 30.70 5.82
CA THR A 124 -4.26 30.78 7.24
C THR A 124 -4.54 32.17 7.82
N GLU A 125 -5.36 32.97 7.15
CA GLU A 125 -5.73 34.30 7.58
C GLU A 125 -7.19 34.27 8.07
N ARG A 126 -7.86 35.41 8.00
CA ARG A 126 -9.24 35.52 8.47
C ARG A 126 -10.10 34.47 7.80
N GLY A 127 -11.05 33.93 8.56
CA GLY A 127 -11.85 32.82 8.11
C GLY A 127 -11.41 31.47 8.61
N GLY A 128 -10.33 31.42 9.39
CA GLY A 128 -9.86 30.18 9.97
C GLY A 128 -9.00 29.39 9.01
N PRO A 129 -8.25 28.42 9.53
CA PRO A 129 -7.49 27.52 8.66
C PRO A 129 -8.41 26.76 7.73
N ALA A 130 -8.41 27.13 6.44
CA ALA A 130 -9.29 26.53 5.46
C ALA A 130 -8.47 26.02 4.29
N THR A 131 -8.66 24.75 3.93
CA THR A 131 -7.97 24.14 2.81
C THR A 131 -8.75 24.43 1.53
N ILE A 132 -8.12 25.16 0.62
CA ILE A 132 -8.74 25.46 -0.68
C ILE A 132 -8.48 24.29 -1.62
N VAL A 133 -9.57 23.67 -2.08
CA VAL A 133 -9.47 22.47 -2.92
C VAL A 133 -9.83 22.82 -4.36
N PRO A 134 -8.84 23.05 -5.24
CA PRO A 134 -9.14 23.29 -6.66
C PRO A 134 -9.40 21.97 -7.36
N PHE A 136 -10.90 19.61 -10.84
CA PHE A 136 -11.29 19.41 -12.23
C PHE A 136 -12.06 18.11 -12.29
N LEU A 137 -13.38 18.21 -12.52
CA LEU A 137 -14.27 17.06 -12.49
C LEU A 137 -15.06 16.85 -13.77
N LEU A 138 -15.37 17.91 -14.51
CA LEU A 138 -16.16 17.85 -15.74
C LEU A 138 -17.55 17.32 -15.39
N TYR A 139 -18.19 16.61 -16.31
CA TYR A 139 -19.56 16.13 -16.15
C TYR A 139 -19.68 14.75 -16.78
N ASP A 140 -20.74 14.03 -16.41
CA ASP A 140 -20.91 12.64 -16.85
C ASP A 140 -22.30 12.36 -17.38
N TYR A 141 -23.06 13.39 -17.76
CA TYR A 141 -24.41 13.22 -18.33
C TYR A 141 -25.36 12.54 -17.34
N SER A 142 -25.13 12.70 -16.05
CA SER A 142 -25.99 12.09 -15.04
C SER A 142 -27.13 13.00 -14.59
N PHE A 143 -27.10 14.29 -14.95
CA PHE A 143 -28.22 15.19 -14.69
C PHE A 143 -29.27 15.04 -15.79
N LEU A 144 -29.95 13.88 -15.77
CA LEU A 144 -30.88 13.54 -16.83
C LEU A 144 -32.12 14.44 -16.77
N PRO A 145 -32.68 14.82 -17.93
CA PRO A 145 -33.96 15.52 -17.93
C PRO A 145 -35.08 14.57 -17.53
N GLU A 146 -36.27 15.15 -17.31
CA GLU A 146 -37.39 14.39 -16.79
C GLU A 146 -37.75 13.21 -17.70
N GLY A 147 -37.83 13.45 -19.01
CA GLY A 147 -38.21 12.40 -19.93
C GLY A 147 -37.14 11.37 -20.26
N ALA A 148 -35.94 11.50 -19.70
CA ALA A 148 -34.84 10.62 -20.04
C ALA A 148 -34.54 9.62 -18.92
N ASN A 149 -33.98 8.48 -19.32
CA ASN A 149 -33.57 7.43 -18.40
C ASN A 149 -32.18 6.91 -18.70
N SER A 150 -31.42 7.58 -19.57
CA SER A 150 -30.05 7.20 -19.88
C SER A 150 -29.35 8.39 -20.52
N LYS A 151 -28.04 8.25 -20.71
CA LYS A 151 -27.27 9.32 -21.34
C LYS A 151 -27.71 9.54 -22.78
N ALA A 152 -27.81 8.45 -23.56
CA ALA A 152 -28.18 8.58 -24.96
C ALA A 152 -29.59 9.16 -25.11
N GLU A 153 -30.52 8.74 -24.25
CA GLU A 153 -31.87 9.29 -24.29
C GLU A 153 -31.87 10.78 -23.97
N GLY A 154 -31.11 11.18 -22.96
CA GLY A 154 -31.05 12.60 -22.60
C GLY A 154 -30.45 13.46 -23.70
N VAL A 155 -29.33 13.01 -24.28
CA VAL A 155 -28.73 13.79 -25.34
C VAL A 155 -29.63 13.83 -26.57
N ALA A 156 -30.37 12.74 -26.85
CA ALA A 156 -31.30 12.75 -27.97
C ALA A 156 -32.44 13.74 -27.74
N ILE A 157 -33.00 13.75 -26.53
CA ILE A 157 -34.06 14.70 -26.21
C ILE A 157 -33.54 16.13 -26.29
N ALA A 158 -32.30 16.35 -25.86
CA ALA A 158 -31.73 17.69 -25.96
C ALA A 158 -31.48 18.09 -27.41
N LYS A 159 -31.07 17.13 -28.25
CA LYS A 159 -30.76 17.43 -29.64
C LYS A 159 -32.03 17.75 -30.44
N GLU A 160 -33.10 16.97 -30.24
CA GLU A 160 -34.34 17.22 -30.96
C GLU A 160 -34.92 18.58 -30.61
N ARG A 161 -34.60 19.11 -29.44
CA ARG A 161 -35.02 20.44 -29.01
C ARG A 161 -33.96 21.50 -29.27
N ASN A 162 -32.86 21.13 -29.94
CA ASN A 162 -31.81 22.07 -30.32
C ASN A 162 -31.18 22.74 -29.10
N VAL A 163 -30.99 21.97 -28.03
CA VAL A 163 -30.27 22.43 -26.85
C VAL A 163 -29.06 21.51 -26.64
N VAL A 164 -28.02 21.71 -27.44
CA VAL A 164 -26.83 20.89 -27.39
C VAL A 164 -25.63 21.78 -27.06
N ALA A 165 -24.79 21.29 -26.16
CA ALA A 165 -23.57 22.01 -25.80
C ALA A 165 -22.54 21.87 -26.92
N THR A 166 -21.79 22.95 -27.16
CA THR A 166 -20.73 22.91 -28.16
C THR A 166 -19.62 21.95 -27.78
N ASP A 167 -19.51 21.60 -26.49
CA ASP A 167 -18.50 20.65 -26.04
C ASP A 167 -18.50 19.39 -26.89
N GLU A 168 -19.70 18.89 -27.23
CA GLU A 168 -19.84 17.66 -28.01
C GLU A 168 -18.98 17.67 -29.27
N PHE A 169 -18.61 18.84 -29.78
CA PHE A 169 -17.82 18.94 -30.98
C PHE A 169 -16.46 19.57 -30.77
N LEU A 170 -16.21 20.18 -29.61
CA LEU A 170 -14.95 20.88 -29.38
C LEU A 170 -14.17 20.41 -28.17
N LEU A 171 -14.80 19.73 -27.22
CA LEU A 171 -14.12 19.25 -26.01
C LEU A 171 -13.78 17.79 -26.22
N SER A 172 -12.57 17.53 -26.71
CA SER A 172 -12.13 16.16 -26.94
C SER A 172 -11.73 15.53 -25.63
N PRO A 173 -12.17 14.29 -25.34
CA PRO A 173 -11.74 13.59 -24.12
C PRO A 173 -10.55 12.65 -24.29
N GLU A 174 -9.87 12.67 -25.43
CA GLU A 174 -8.80 11.72 -25.69
C GLU A 174 -7.73 11.84 -24.61
N PRO A 175 -7.17 10.71 -24.14
CA PRO A 175 -7.36 9.37 -24.69
C PRO A 175 -8.62 8.63 -24.22
N TYR A 176 -9.46 9.29 -23.43
CA TYR A 176 -10.65 8.61 -22.94
C TYR A 176 -11.70 8.50 -24.04
N PRO A 177 -12.52 7.44 -24.01
CA PRO A 177 -13.51 7.27 -25.10
C PRO A 177 -14.60 8.31 -25.08
N THR A 178 -15.09 8.69 -23.90
CA THR A 178 -16.14 9.67 -23.75
C THR A 178 -15.76 10.65 -22.65
N ARG A 179 -16.53 11.74 -22.57
CA ARG A 179 -16.27 12.73 -21.53
C ARG A 179 -16.69 12.22 -20.15
N ASP A 180 -17.67 11.32 -20.08
CA ASP A 180 -18.07 10.78 -18.79
C ASP A 180 -17.01 9.84 -18.22
N ALA A 181 -16.25 9.16 -19.07
CA ALA A 181 -15.15 8.34 -18.57
C ALA A 181 -14.07 9.21 -17.93
N TRP A 182 -13.68 10.28 -18.63
CA TRP A 182 -12.75 11.26 -18.07
C TRP A 182 -13.30 11.83 -16.76
N CYS A 183 -14.59 12.13 -16.73
CA CYS A 183 -15.21 12.66 -15.52
C CYS A 183 -15.13 11.67 -14.36
N HIS A 184 -15.41 10.40 -14.63
CA HIS A 184 -15.37 9.40 -13.56
C HIS A 184 -13.96 9.21 -13.03
N GLU A 185 -12.96 9.24 -13.94
CA GLU A 185 -11.59 9.16 -13.46
C GLU A 185 -11.21 10.37 -12.62
N ARG A 186 -11.62 11.56 -13.05
CA ARG A 186 -11.35 12.76 -12.27
C ARG A 186 -12.01 12.70 -10.90
N VAL A 187 -13.25 12.19 -10.85
CA VAL A 187 -13.96 12.09 -9.58
C VAL A 187 -13.28 11.10 -8.66
N ALA A 188 -12.84 9.95 -9.20
CA ALA A 188 -12.16 8.97 -8.38
C ALA A 188 -10.88 9.55 -7.78
N ALA A 189 -10.06 10.20 -8.61
CA ALA A 189 -8.80 10.76 -8.12
C ALA A 189 -9.04 11.88 -7.10
N THR A 190 -9.97 12.77 -7.40
CA THR A 190 -10.21 13.90 -6.49
C THR A 190 -10.82 13.44 -5.18
N ARG A 191 -11.69 12.42 -5.21
CA ARG A 191 -12.22 11.87 -3.97
C ARG A 191 -11.12 11.19 -3.15
N ALA A 192 -10.22 10.48 -3.82
CA ALA A 192 -9.07 9.92 -3.12
C ALA A 192 -8.27 11.00 -2.41
N ARG A 193 -8.02 12.12 -3.10
CA ARG A 193 -7.28 13.22 -2.47
C ARG A 193 -8.08 13.84 -1.33
N LEU A 194 -9.40 13.94 -1.48
CA LEU A 194 -10.24 14.55 -0.46
C LEU A 194 -10.30 13.71 0.80
N GLU A 195 -10.23 12.38 0.66
CA GLU A 195 -10.26 11.52 1.85
C GLU A 195 -9.03 11.74 2.73
N GLN A 196 -7.92 12.16 2.15
CA GLN A 196 -6.67 12.37 2.87
C GLN A 196 -6.63 13.69 3.64
N LEU A 197 -7.73 14.43 3.70
CA LEU A 197 -7.77 15.72 4.39
C LEU A 197 -8.13 15.54 5.85
N ASP A 198 -7.63 16.46 6.68
CA ASP A 198 -7.97 16.45 8.09
C ASP A 198 -9.46 16.68 8.29
N TRP A 199 -10.15 15.68 8.82
CA TRP A 199 -11.60 15.68 8.94
C TRP A 199 -12.15 16.76 9.87
N GLN A 201 -10.95 20.18 9.59
CA GLN A 201 -10.53 21.45 9.04
C GLN A 201 -11.44 21.84 7.89
N PRO A 202 -12.00 23.06 7.90
CA PRO A 202 -12.91 23.48 6.82
C PRO A 202 -12.19 23.50 5.47
N THR A 203 -13.00 23.35 4.42
CA THR A 203 -12.48 23.36 3.06
C THR A 203 -13.25 24.38 2.24
N VAL A 204 -12.60 24.91 1.21
CA VAL A 204 -13.24 25.73 0.19
C VAL A 204 -13.20 24.93 -1.10
N LEU A 205 -14.34 24.38 -1.49
CA LEU A 205 -14.42 23.56 -2.69
C LEU A 205 -14.58 24.45 -3.91
N VAL A 206 -13.66 24.30 -4.87
CA VAL A 206 -13.66 25.08 -6.10
C VAL A 206 -13.82 24.12 -7.27
N ASN A 207 -14.79 24.42 -8.13
CA ASN A 207 -15.06 23.61 -9.32
C ASN A 207 -15.88 24.46 -10.26
N HIS A 208 -15.61 24.35 -11.57
CA HIS A 208 -16.32 25.18 -12.53
C HIS A 208 -17.81 24.89 -12.51
N PHE A 209 -18.18 23.62 -12.46
CA PHE A 209 -19.56 23.15 -12.49
C PHE A 209 -20.11 23.05 -11.07
N PRO A 210 -21.42 23.23 -10.91
CA PRO A 210 -22.03 23.07 -9.58
C PRO A 210 -21.86 21.64 -9.07
N LEU A 211 -21.62 21.52 -7.76
CA LEU A 211 -21.43 20.22 -7.15
C LEU A 211 -22.73 19.45 -6.96
N LEU A 212 -23.85 20.14 -6.89
CA LEU A 212 -25.16 19.51 -6.81
C LEU A 212 -26.08 20.14 -7.85
N ARG A 213 -27.22 19.48 -8.09
CA ARG A 213 -28.06 19.82 -9.23
C ARG A 213 -28.93 21.05 -9.00
N GLN A 214 -29.25 21.36 -7.75
CA GLN A 214 -30.22 22.41 -7.42
C GLN A 214 -30.03 23.72 -8.19
N PRO A 215 -28.83 24.31 -8.26
CA PRO A 215 -28.70 25.58 -9.00
C PRO A 215 -29.13 25.48 -10.45
N CYS A 216 -28.95 24.32 -11.09
CA CYS A 216 -29.35 24.13 -12.47
C CYS A 216 -30.84 24.36 -12.67
N ASP A 217 -31.64 24.33 -11.61
CA ASP A 217 -33.05 24.61 -11.72
C ASP A 217 -33.34 26.04 -12.14
N ALA A 218 -32.35 26.94 -12.06
CA ALA A 218 -32.51 28.31 -12.51
C ALA A 218 -32.25 28.48 -14.00
N LEU A 219 -31.83 27.41 -14.69
CA LEU A 219 -31.62 27.50 -16.13
C LEU A 219 -32.94 27.76 -16.85
N PHE A 220 -32.86 28.54 -17.92
CA PHE A 220 -34.07 28.86 -18.68
C PHE A 220 -34.69 27.60 -19.28
N TYR A 221 -33.85 26.73 -19.83
CA TYR A 221 -34.27 25.44 -20.35
C TYR A 221 -33.52 24.33 -19.63
N PRO A 222 -34.22 23.32 -19.10
CA PRO A 222 -33.56 22.38 -18.18
C PRO A 222 -32.64 21.38 -18.84
N GLU A 223 -32.83 21.07 -20.12
CA GLU A 223 -32.06 20.00 -20.76
C GLU A 223 -30.56 20.24 -20.65
N PHE A 224 -30.14 21.51 -20.74
CA PHE A 224 -28.72 21.84 -20.70
C PHE A 224 -28.04 21.34 -19.42
N SER A 225 -28.82 21.01 -18.38
CA SER A 225 -28.24 20.43 -17.17
C SER A 225 -27.40 19.18 -17.44
N LEU A 226 -27.60 18.51 -18.58
CA LEU A 226 -26.76 17.36 -18.92
C LEU A 226 -25.28 17.72 -18.87
N TRP A 227 -24.93 18.96 -19.20
CA TRP A 227 -23.54 19.39 -19.27
C TRP A 227 -23.14 20.25 -18.07
N CYS A 228 -23.71 19.98 -16.89
CA CYS A 228 -23.53 20.88 -15.76
C CYS A 228 -22.99 20.21 -14.50
N GLY A 229 -22.59 18.94 -14.56
CA GLY A 229 -21.96 18.32 -13.42
C GLY A 229 -22.23 16.83 -13.39
N THR A 230 -22.02 16.26 -12.20
CA THR A 230 -22.16 14.84 -11.98
C THR A 230 -22.88 14.59 -10.65
N THR A 231 -23.64 13.50 -10.59
CA THR A 231 -24.33 13.15 -9.36
C THR A 231 -23.39 12.58 -8.31
N LYS A 232 -22.17 12.21 -8.68
CA LYS A 232 -21.23 11.61 -7.74
C LYS A 232 -20.71 12.58 -6.68
N THR A 233 -20.95 13.89 -6.84
CA THR A 233 -20.48 14.89 -5.90
C THR A 233 -21.62 15.55 -5.14
N ALA A 234 -22.77 14.87 -5.02
CA ALA A 234 -23.95 15.51 -4.46
C ALA A 234 -23.78 15.86 -2.99
N ASP A 235 -23.00 15.09 -2.24
CA ASP A 235 -22.85 15.29 -0.81
C ASP A 235 -21.46 15.73 -0.39
N TRP A 236 -20.61 16.14 -1.34
CA TRP A 236 -19.24 16.50 -1.02
C TRP A 236 -19.15 17.76 -0.17
N HIS A 237 -20.13 18.67 -0.30
CA HIS A 237 -20.08 19.91 0.47
C HIS A 237 -20.22 19.67 1.97
N THR A 238 -21.00 18.66 2.35
CA THR A 238 -21.16 18.32 3.76
C THR A 238 -20.22 17.21 4.21
N ARG A 239 -19.94 16.24 3.34
CA ARG A 239 -19.05 15.14 3.70
C ARG A 239 -17.65 15.65 4.03
N TYR A 240 -17.16 16.62 3.28
CA TYR A 240 -15.82 17.14 3.45
C TYR A 240 -15.80 18.51 4.14
N ASN A 241 -16.87 18.83 4.86
CA ASN A 241 -16.94 20.00 5.74
C ASN A 241 -16.52 21.27 5.03
N ALA A 242 -17.30 21.65 4.01
CA ALA A 242 -17.02 22.85 3.25
C ALA A 242 -17.63 24.06 3.92
N VAL A 243 -16.81 25.11 4.08
CA VAL A 243 -17.33 26.38 4.56
C VAL A 243 -17.84 27.25 3.42
N CYS A 244 -17.39 26.98 2.19
CA CYS A 244 -17.84 27.73 1.02
C CYS A 244 -17.55 26.87 -0.21
N SER A 245 -18.46 26.94 -1.18
CA SER A 245 -18.32 26.21 -2.44
C SER A 245 -18.40 27.21 -3.59
N VAL A 246 -17.31 27.34 -4.35
CA VAL A 246 -17.19 28.30 -5.43
C VAL A 246 -17.39 27.57 -6.75
N TYR A 247 -18.27 28.11 -7.61
CA TYR A 247 -18.53 27.53 -8.91
C TYR A 247 -18.97 28.63 -9.86
N GLY A 248 -19.15 28.26 -11.13
CA GLY A 248 -19.61 29.18 -12.13
C GLY A 248 -20.42 28.49 -13.21
N HIS A 249 -19.99 28.62 -14.47
CA HIS A 249 -20.54 27.90 -15.60
C HIS A 249 -21.96 28.32 -15.96
N LEU A 250 -22.86 28.35 -14.98
CA LEU A 250 -24.27 28.62 -15.26
C LEU A 250 -24.52 30.05 -15.72
N HIS A 251 -23.59 30.96 -15.51
CA HIS A 251 -23.77 32.39 -15.80
C HIS A 251 -25.00 32.94 -15.08
N ILE A 252 -25.23 32.46 -13.87
CA ILE A 252 -26.28 32.97 -12.99
C ILE A 252 -25.62 33.35 -11.67
N PRO A 253 -24.98 34.51 -11.60
CA PRO A 253 -24.18 34.84 -10.39
C PRO A 253 -25.09 35.10 -9.21
N ARG A 254 -24.81 34.42 -8.10
CA ARG A 254 -25.65 34.57 -6.90
C ARG A 254 -25.00 33.87 -5.73
N THR A 255 -25.61 34.05 -4.55
CA THR A 255 -25.20 33.37 -3.33
C THR A 255 -26.40 32.60 -2.80
N THR A 256 -26.23 31.29 -2.60
CA THR A 256 -27.29 30.45 -2.07
C THR A 256 -26.73 29.61 -0.93
N TRP A 257 -27.62 28.88 -0.26
CA TRP A 257 -27.23 28.00 0.83
C TRP A 257 -27.88 26.64 0.63
N TYR A 258 -27.08 25.59 0.78
CA TYR A 258 -27.56 24.22 0.69
C TYR A 258 -26.99 23.46 1.88
N ASP A 259 -27.88 22.95 2.73
CA ASP A 259 -27.49 22.15 3.90
C ASP A 259 -26.52 22.92 4.79
N GLY A 260 -26.75 24.23 4.90
CA GLY A 260 -25.90 25.09 5.70
C GLY A 260 -24.64 25.60 5.02
N VAL A 261 -24.32 25.11 3.83
CA VAL A 261 -23.10 25.48 3.13
C VAL A 261 -23.41 26.61 2.15
N ARG A 262 -22.52 27.60 2.10
CA ARG A 262 -22.68 28.77 1.23
C ARG A 262 -22.08 28.46 -0.14
N PHE A 263 -22.92 28.54 -1.17
CA PHE A 263 -22.53 28.34 -2.56
C PHE A 263 -22.51 29.69 -3.26
N GLU A 264 -21.42 29.96 -3.97
CA GLU A 264 -21.20 31.25 -4.64
C GLU A 264 -21.01 31.00 -6.13
N GLU A 265 -22.00 31.39 -6.94
CA GLU A 265 -21.84 31.44 -8.39
C GLU A 265 -21.26 32.81 -8.73
N VAL A 266 -20.01 32.80 -9.23
CA VAL A 266 -19.18 33.99 -9.34
C VAL A 266 -18.87 34.31 -10.79
N SER A 267 -19.78 33.95 -11.69
CA SER A 267 -19.54 34.15 -13.11
C SER A 267 -19.69 35.61 -13.50
N VAL A 268 -18.91 36.02 -14.50
CA VAL A 268 -19.10 37.33 -15.14
C VAL A 268 -20.03 37.23 -16.33
N GLY A 269 -19.77 36.30 -17.24
CA GLY A 269 -20.62 36.09 -18.39
C GLY A 269 -20.17 36.88 -19.60
N TYR A 270 -21.00 36.81 -20.63
CA TYR A 270 -20.73 37.53 -21.86
C TYR A 270 -21.22 38.98 -21.75
N PRO A 271 -20.61 39.91 -22.50
CA PRO A 271 -20.95 41.33 -22.31
C PRO A 271 -22.43 41.66 -22.31
N ARG A 272 -23.19 41.11 -23.26
CA ARG A 272 -24.62 41.41 -23.31
C ARG A 272 -25.41 40.78 -22.17
N GLU A 273 -24.79 39.88 -21.40
CA GLU A 273 -25.46 39.27 -20.26
C GLU A 273 -25.32 40.13 -18.99
N TRP A 274 -24.10 40.58 -18.67
CA TRP A 274 -23.89 41.35 -17.45
C TRP A 274 -24.11 42.84 -17.63
N ARG A 275 -24.29 43.32 -18.86
CA ARG A 275 -24.64 44.72 -19.07
C ARG A 275 -26.09 45.00 -18.67
N ARG A 276 -26.93 43.98 -18.64
CA ARG A 276 -28.31 44.14 -18.20
C ARG A 276 -28.39 44.39 -16.70
N ARG A 277 -27.37 44.01 -15.94
CA ARG A 277 -27.31 44.23 -14.51
C ARG A 277 -26.25 45.27 -14.17
N LYS A 278 -26.26 45.70 -12.91
CA LYS A 278 -25.22 46.58 -12.36
C LYS A 278 -24.74 45.88 -11.10
N PRO A 279 -23.70 45.06 -11.19
CA PRO A 279 -23.20 44.39 -9.98
C PRO A 279 -22.28 45.27 -9.15
N TYR A 280 -22.38 45.11 -7.82
CA TYR A 280 -21.46 45.72 -6.87
C TYR A 280 -20.13 45.00 -6.92
N SER A 281 -19.19 45.49 -7.73
CA SER A 281 -17.83 44.95 -7.84
C SER A 281 -17.85 43.56 -8.47
N TRP A 282 -16.80 43.21 -9.19
CA TRP A 282 -16.74 41.90 -9.86
C TRP A 282 -16.30 40.79 -8.92
N LEU A 283 -15.40 41.07 -7.99
CA LEU A 283 -14.84 40.04 -7.12
C LEU A 283 -15.81 39.67 -6.01
N ARG A 284 -16.05 38.36 -5.86
CA ARG A 284 -16.88 37.83 -4.78
C ARG A 284 -15.98 37.47 -3.60
N GLN A 285 -16.36 37.92 -2.40
CA GLN A 285 -15.58 37.64 -1.22
C GLN A 285 -15.86 36.23 -0.72
N VAL A 286 -14.84 35.38 -0.75
CA VAL A 286 -14.96 34.01 -0.23
C VAL A 286 -14.57 33.95 1.23
N LEU A 287 -13.39 34.49 1.58
CA LEU A 287 -12.95 34.48 2.97
C LEU A 287 -12.36 35.82 3.35
N PRO A 288 -12.64 36.32 4.56
CA PRO A 288 -13.52 35.69 5.56
C PRO A 288 -14.99 35.83 5.20
N ASP A 289 -15.87 35.25 6.01
CA ASP A 289 -17.30 35.28 5.75
C ASP A 289 -17.78 36.73 5.66
N PRO A 290 -18.42 37.13 4.56
CA PRO A 290 -18.88 38.52 4.43
C PRO A 290 -20.11 38.84 5.26
N GLN A 291 -20.70 37.86 5.94
CA GLN A 291 -21.90 38.05 6.75
C GLN A 291 -23.04 38.62 5.91
N TYR A 292 -23.33 37.93 4.80
CA TYR A 292 -24.40 38.35 3.91
C TYR A 292 -25.68 37.55 4.17
N VAL B 14 24.29 28.20 9.10
CA VAL B 14 24.65 27.02 8.32
C VAL B 14 24.93 27.39 6.87
N GLY B 15 26.01 26.86 6.32
CA GLY B 15 26.42 27.20 4.97
C GLY B 15 26.63 25.99 4.07
N ALA B 16 26.40 24.78 4.60
CA ALA B 16 26.62 23.53 3.88
C ALA B 16 25.44 22.59 4.15
N GLU B 17 24.29 22.90 3.54
CA GLU B 17 23.15 22.06 3.89
C GLU B 17 23.01 20.91 2.89
N PRO B 18 22.73 19.70 3.38
CA PRO B 18 22.64 18.54 2.50
C PRO B 18 21.50 18.63 1.50
N THR B 19 21.69 17.97 0.36
CA THR B 19 20.70 17.96 -0.71
C THR B 19 20.59 16.57 -1.30
N LEU B 20 19.36 16.17 -1.62
CA LEU B 20 19.07 14.92 -2.30
C LEU B 20 18.79 15.24 -3.76
N TRP B 21 19.72 14.84 -4.64
CA TRP B 21 19.68 15.06 -6.08
C TRP B 21 19.20 13.81 -6.82
N ALA B 22 18.91 13.98 -8.10
CA ALA B 22 18.55 12.85 -8.95
C ALA B 22 19.03 13.09 -10.38
N ILE B 23 19.27 11.98 -11.08
CA ILE B 23 19.68 12.02 -12.48
C ILE B 23 19.43 10.63 -13.05
N SER B 24 19.35 10.53 -14.37
CA SER B 24 19.09 9.25 -15.02
C SER B 24 19.54 9.32 -16.47
N ASP B 25 19.55 8.16 -17.12
CA ASP B 25 19.84 8.05 -18.55
C ASP B 25 21.18 8.70 -18.89
N LEU B 26 22.21 8.32 -18.12
CA LEU B 26 23.55 8.84 -18.37
C LEU B 26 24.11 8.32 -19.69
N HIS B 27 23.86 7.04 -19.99
CA HIS B 27 24.33 6.41 -21.22
C HIS B 27 25.81 6.70 -21.46
N THR B 28 26.62 6.32 -20.47
CA THR B 28 28.03 6.70 -20.47
C THR B 28 28.81 6.06 -21.61
N GLY B 29 28.30 4.97 -22.19
CA GLY B 29 29.01 4.34 -23.30
C GLY B 29 29.04 5.17 -24.56
N HIS B 30 28.07 6.07 -24.73
CA HIS B 30 28.01 6.89 -25.93
C HIS B 30 29.00 8.05 -25.84
N LEU B 31 29.76 8.25 -26.92
CA LEU B 31 30.77 9.30 -26.94
C LEU B 31 30.13 10.67 -26.80
N GLY B 32 30.55 11.40 -25.76
CA GLY B 32 29.99 12.71 -25.45
C GLY B 32 29.29 12.77 -24.10
N ASN B 33 28.91 11.62 -23.55
CA ASN B 33 28.24 11.58 -22.25
C ASN B 33 29.21 11.27 -21.11
N LYS B 34 30.47 10.99 -21.41
CA LYS B 34 31.49 10.74 -20.39
C LYS B 34 31.81 12.03 -19.63
N PRO B 35 31.94 13.18 -20.31
CA PRO B 35 32.11 14.42 -19.54
C PRO B 35 30.93 14.75 -18.64
N VAL B 36 29.71 14.52 -19.12
CA VAL B 36 28.52 14.83 -18.31
C VAL B 36 28.59 14.09 -16.98
N ALA B 37 28.80 12.78 -17.03
CA ALA B 37 28.94 12.00 -15.80
C ALA B 37 30.09 12.49 -14.95
N GLU B 38 31.17 12.97 -15.58
CA GLU B 38 32.31 13.46 -14.83
C GLU B 38 32.10 14.87 -14.28
N SER B 39 31.01 15.54 -14.65
CA SER B 39 30.70 16.86 -14.14
C SER B 39 29.68 16.84 -13.02
N LEU B 40 29.35 15.66 -12.49
CA LEU B 40 28.36 15.52 -11.43
C LEU B 40 29.07 15.61 -10.08
N TYR B 41 28.84 16.72 -9.38
CA TYR B 41 29.44 16.97 -8.08
C TYR B 41 28.38 17.39 -7.08
N PRO B 42 28.56 17.06 -5.81
CA PRO B 42 27.62 17.51 -4.78
C PRO B 42 27.87 18.96 -4.38
N SER B 43 26.98 19.47 -3.53
CA SER B 43 27.12 20.80 -2.94
C SER B 43 27.48 20.74 -1.46
N SER B 44 27.60 19.55 -0.89
CA SER B 44 27.98 19.36 0.50
C SER B 44 28.48 17.93 0.67
N PRO B 45 29.32 17.66 1.67
CA PRO B 45 29.84 16.30 1.84
C PRO B 45 28.81 15.29 2.30
N ASP B 46 27.55 15.69 2.48
CA ASP B 46 26.49 14.79 2.93
C ASP B 46 25.36 14.67 1.93
N ASP B 47 25.63 14.92 0.65
CA ASP B 47 24.61 14.87 -0.37
C ASP B 47 24.37 13.44 -0.84
N TRP B 48 23.12 13.15 -1.18
CA TRP B 48 22.73 11.88 -1.78
C TRP B 48 22.39 12.08 -3.24
N LEU B 49 22.67 11.06 -4.05
CA LEU B 49 22.42 11.09 -5.48
C LEU B 49 21.59 9.88 -5.88
N ILE B 50 20.42 10.12 -6.47
CA ILE B 50 19.59 9.07 -7.03
C ILE B 50 19.93 8.92 -8.50
N VAL B 51 20.19 7.69 -8.94
CA VAL B 51 20.47 7.38 -10.34
C VAL B 51 19.37 6.44 -10.80
N ALA B 52 18.42 6.97 -11.56
CA ALA B 52 17.18 6.26 -11.89
C ALA B 52 17.26 5.55 -13.24
N GLY B 53 18.28 4.73 -13.47
CA GLY B 53 18.25 3.84 -14.61
C GLY B 53 19.04 4.37 -15.80
N ASP B 54 19.34 3.44 -16.71
CA ASP B 54 20.05 3.71 -17.95
C ASP B 54 21.40 4.38 -17.69
N VAL B 55 22.13 3.86 -16.69
CA VAL B 55 23.51 4.30 -16.48
C VAL B 55 24.36 3.92 -17.68
N ALA B 56 24.30 2.66 -18.08
CA ALA B 56 25.01 2.13 -19.24
C ALA B 56 24.45 0.74 -19.52
N GLU B 57 25.01 0.08 -20.54
CA GLU B 57 24.59 -1.26 -20.92
C GLU B 57 25.55 -2.32 -20.41
N ARG B 58 26.83 -2.20 -20.75
CA ARG B 58 27.83 -3.18 -20.33
C ARG B 58 28.12 -3.07 -18.84
N THR B 59 28.39 -4.23 -18.23
CA THR B 59 28.61 -4.27 -16.78
C THR B 59 29.80 -3.41 -16.37
N ASP B 60 30.86 -3.40 -17.18
CA ASP B 60 32.04 -2.63 -16.81
C ASP B 60 31.78 -1.13 -16.90
N GLU B 61 31.00 -0.69 -17.88
CA GLU B 61 30.64 0.73 -17.97
C GLU B 61 29.76 1.15 -16.79
N ILE B 62 28.77 0.32 -16.44
CA ILE B 62 27.92 0.60 -15.29
C ILE B 62 28.77 0.69 -14.03
N ARG B 63 29.71 -0.24 -13.86
CA ARG B 63 30.55 -0.21 -12.66
C ARG B 63 31.43 1.03 -12.64
N TRP B 64 31.98 1.41 -13.79
CA TRP B 64 32.81 2.61 -13.86
C TRP B 64 32.02 3.85 -13.45
N SER B 65 30.81 4.00 -14.00
CA SER B 65 30.01 5.18 -13.70
C SER B 65 29.59 5.21 -12.23
N LEU B 66 29.11 4.08 -11.71
CA LEU B 66 28.67 4.05 -10.32
C LEU B 66 29.84 4.23 -9.36
N ASP B 67 31.03 3.74 -9.72
CA ASP B 67 32.21 3.95 -8.89
C ASP B 67 32.63 5.42 -8.91
N LEU B 68 32.57 6.05 -10.08
CA LEU B 68 32.87 7.48 -10.16
C LEU B 68 31.91 8.28 -9.29
N LEU B 69 30.63 7.92 -9.29
CA LEU B 69 29.65 8.71 -8.55
C LEU B 69 29.71 8.44 -7.04
N ARG B 70 29.90 7.19 -6.63
CA ARG B 70 29.90 6.87 -5.20
C ARG B 70 31.15 7.39 -4.48
N ARG B 71 32.20 7.74 -5.22
CA ARG B 71 33.37 8.34 -4.61
C ARG B 71 33.22 9.84 -4.42
N ARG B 72 32.16 10.44 -4.94
CA ARG B 72 31.90 11.87 -4.82
C ARG B 72 30.72 12.20 -3.90
N PHE B 73 29.71 11.34 -3.86
CA PHE B 73 28.51 11.57 -3.06
C PHE B 73 28.53 10.67 -1.84
N ALA B 74 27.97 11.17 -0.74
CA ALA B 74 27.94 10.40 0.49
C ALA B 74 27.14 9.11 0.33
N LYS B 75 26.09 9.15 -0.49
CA LYS B 75 25.27 7.95 -0.71
C LYS B 75 24.69 8.03 -2.13
N VAL B 76 24.80 6.93 -2.85
CA VAL B 76 24.25 6.80 -4.19
C VAL B 76 23.19 5.71 -4.17
N ILE B 77 22.01 6.02 -4.69
CA ILE B 77 20.88 5.10 -4.73
C ILE B 77 20.61 4.78 -6.18
N TRP B 78 20.89 3.55 -6.60
CA TRP B 78 20.78 3.16 -7.99
C TRP B 78 19.53 2.33 -8.22
N VAL B 79 18.86 2.60 -9.34
CA VAL B 79 17.71 1.81 -9.77
C VAL B 79 17.96 1.41 -11.22
N PRO B 80 17.63 0.19 -11.62
CA PRO B 80 17.93 -0.25 -12.99
C PRO B 80 16.94 0.31 -14.01
N GLY B 81 17.48 0.66 -15.17
CA GLY B 81 16.69 0.92 -16.35
C GLY B 81 16.67 -0.28 -17.29
N ASN B 82 16.06 -0.08 -18.46
CA ASN B 82 15.99 -1.17 -19.42
C ASN B 82 17.35 -1.48 -20.02
N HIS B 83 18.23 -0.49 -20.13
CA HIS B 83 19.52 -0.72 -20.80
C HIS B 83 20.49 -1.52 -19.94
N GLU B 84 20.46 -1.33 -18.62
CA GLU B 84 21.33 -2.12 -17.74
C GLU B 84 21.01 -3.60 -17.84
N LEU B 85 19.77 -3.94 -18.19
CA LEU B 85 19.35 -5.33 -18.32
C LEU B 85 19.57 -5.89 -19.72
N TRP B 86 20.10 -5.09 -20.64
CA TRP B 86 20.49 -5.61 -21.95
C TRP B 86 21.76 -6.45 -21.83
N THR B 87 21.82 -7.53 -22.59
CA THR B 87 23.02 -8.34 -22.69
C THR B 87 23.52 -8.24 -24.13
N THR B 88 24.52 -7.40 -24.34
CA THR B 88 25.11 -7.20 -25.66
C THR B 88 26.27 -8.17 -25.87
N ASN B 89 26.67 -8.31 -27.14
CA ASN B 89 27.75 -9.25 -27.47
C ASN B 89 29.09 -8.79 -26.94
N ARG B 90 29.28 -7.48 -26.76
CA ARG B 90 30.53 -6.93 -26.26
C ARG B 90 30.54 -6.76 -24.74
N ASP B 91 29.68 -7.47 -24.03
CA ASP B 91 29.66 -7.38 -22.57
C ASP B 91 30.56 -8.45 -21.99
N PRO B 92 31.54 -8.09 -21.15
CA PRO B 92 32.37 -9.12 -20.50
C PRO B 92 31.57 -10.11 -19.67
N GLN B 94 28.49 -12.23 -19.81
CA GLN B 94 27.40 -12.80 -20.60
C GLN B 94 26.39 -13.46 -19.64
N ILE B 95 25.71 -12.61 -18.88
CA ILE B 95 24.70 -13.03 -17.92
C ILE B 95 23.38 -12.36 -18.30
N PHE B 96 22.27 -13.05 -18.01
CA PHE B 96 20.98 -12.66 -18.52
C PHE B 96 19.93 -12.61 -17.42
N GLY B 97 18.92 -11.74 -17.64
CA GLY B 97 17.70 -11.76 -16.86
C GLY B 97 17.90 -11.51 -15.38
N ARG B 98 17.15 -12.26 -14.56
CA ARG B 98 17.19 -12.06 -13.12
C ARG B 98 18.59 -12.32 -12.56
N ALA B 99 19.33 -13.25 -13.17
CA ALA B 99 20.72 -13.45 -12.75
C ALA B 99 21.54 -12.19 -12.99
N ARG B 100 21.35 -11.54 -14.13
CA ARG B 100 22.06 -10.30 -14.41
C ARG B 100 21.66 -9.20 -13.43
N TYR B 101 20.37 -9.11 -13.12
CA TYR B 101 19.92 -8.11 -12.15
C TYR B 101 20.52 -8.36 -10.77
N ASP B 102 20.55 -9.63 -10.36
CA ASP B 102 21.14 -9.97 -9.06
C ASP B 102 22.64 -9.68 -9.05
N TYR B 103 23.32 -9.91 -10.18
CA TYR B 103 24.73 -9.56 -10.29
C TYR B 103 24.94 -8.06 -10.12
N LEU B 104 24.10 -7.25 -10.77
CA LEU B 104 24.22 -5.80 -10.63
C LEU B 104 23.95 -5.36 -9.20
N VAL B 105 22.96 -5.99 -8.55
CA VAL B 105 22.66 -5.65 -7.16
C VAL B 105 23.83 -5.99 -6.26
N ASN B 106 24.46 -7.16 -6.47
CA ASN B 106 25.61 -7.54 -5.66
C ASN B 106 26.80 -6.63 -5.91
N CYS B 108 26.64 -3.39 -6.83
CA CYS B 108 26.34 -2.16 -6.10
C CYS B 108 26.55 -2.34 -4.60
N ASP B 109 26.12 -3.48 -4.05
CA ASP B 109 26.30 -3.72 -2.62
C ASP B 109 27.77 -3.76 -2.25
N GLU B 110 28.60 -4.35 -3.11
CA GLU B 110 30.03 -4.35 -2.87
C GLU B 110 30.60 -2.93 -2.94
N GLY B 112 28.90 -0.30 -1.99
CA GLY B 112 28.17 0.54 -1.06
C GLY B 112 27.04 1.34 -1.67
N VAL B 113 26.59 0.96 -2.86
CA VAL B 113 25.50 1.64 -3.55
C VAL B 113 24.18 0.97 -3.19
N VAL B 114 23.17 1.78 -2.90
CA VAL B 114 21.87 1.27 -2.49
C VAL B 114 21.09 0.82 -3.71
N THR B 115 20.43 -0.34 -3.61
CA THR B 115 19.68 -0.93 -4.70
C THR B 115 18.21 -1.06 -4.31
N PRO B 116 17.32 -1.43 -5.23
CA PRO B 116 15.94 -1.74 -4.82
C PRO B 116 15.84 -2.90 -3.85
N GLU B 117 16.88 -3.72 -3.73
CA GLU B 117 16.86 -4.86 -2.83
C GLU B 117 17.38 -4.55 -1.43
N HIS B 118 17.95 -3.39 -1.22
CA HIS B 118 18.39 -2.97 0.11
C HIS B 118 17.21 -2.42 0.90
N PRO B 119 17.36 -2.26 2.21
CA PRO B 119 16.33 -1.54 2.98
C PRO B 119 16.19 -0.11 2.48
N PHE B 120 14.96 0.38 2.50
CA PHE B 120 14.66 1.72 1.98
C PHE B 120 15.41 2.77 2.78
N PRO B 121 16.24 3.60 2.15
CA PRO B 121 16.90 4.69 2.87
C PRO B 121 15.89 5.74 3.30
N VAL B 122 16.25 6.48 4.34
CA VAL B 122 15.41 7.52 4.91
C VAL B 122 16.19 8.83 4.90
N TRP B 123 15.68 9.82 4.17
CA TRP B 123 16.26 11.16 4.17
C TRP B 123 15.80 11.91 5.41
N THR B 124 16.73 12.25 6.29
CA THR B 124 16.42 12.87 7.58
C THR B 124 16.91 14.31 7.68
N GLU B 125 17.19 14.95 6.55
CA GLU B 125 17.67 16.32 6.51
C GLU B 125 16.54 17.23 6.02
N ARG B 126 16.90 18.37 5.42
CA ARG B 126 15.91 19.33 4.94
C ARG B 126 14.92 18.66 4.00
N GLY B 127 13.63 18.92 4.20
CA GLY B 127 12.58 18.24 3.49
C GLY B 127 11.80 17.25 4.32
N GLY B 128 12.17 17.08 5.58
CA GLY B 128 11.46 16.20 6.48
C GLY B 128 11.89 14.77 6.33
N PRO B 129 11.57 13.94 7.33
CA PRO B 129 11.82 12.50 7.22
C PRO B 129 11.07 11.89 6.05
N ALA B 130 11.79 11.54 4.99
CA ALA B 130 11.20 10.99 3.78
C ALA B 130 11.85 9.66 3.46
N THR B 131 11.03 8.62 3.25
CA THR B 131 11.52 7.30 2.91
C THR B 131 11.72 7.24 1.40
N ILE B 132 12.97 7.04 0.97
CA ILE B 132 13.27 6.91 -0.44
C ILE B 132 13.05 5.46 -0.85
N VAL B 133 12.11 5.24 -1.76
CA VAL B 133 11.76 3.90 -2.19
C VAL B 133 12.30 3.68 -3.59
N PRO B 134 13.48 3.04 -3.74
CA PRO B 134 13.99 2.72 -5.06
C PRO B 134 13.35 1.43 -5.58
N PHE B 136 12.32 -1.47 -8.80
CA PHE B 136 12.51 -2.12 -10.09
C PHE B 136 11.20 -2.82 -10.43
N LEU B 137 10.49 -2.30 -11.43
CA LEU B 137 9.17 -2.79 -11.79
C LEU B 137 9.05 -3.21 -13.25
N LEU B 138 9.81 -2.59 -14.15
CA LEU B 138 9.76 -2.88 -15.59
C LEU B 138 8.36 -2.53 -16.10
N TYR B 139 7.90 -3.26 -17.13
CA TYR B 139 6.64 -2.96 -17.80
C TYR B 139 5.96 -4.27 -18.16
N ASP B 140 4.66 -4.19 -18.45
CA ASP B 140 3.87 -5.39 -18.72
C ASP B 140 2.99 -5.25 -19.96
N TYR B 141 3.30 -4.31 -20.84
CA TYR B 141 2.56 -4.09 -22.09
C TYR B 141 1.11 -3.69 -21.83
N SER B 142 0.84 -3.05 -20.69
CA SER B 142 -0.52 -2.61 -20.37
C SER B 142 -0.80 -1.19 -20.84
N PHE B 143 0.22 -0.43 -21.24
CA PHE B 143 0.03 0.90 -21.83
C PHE B 143 -0.29 0.71 -23.31
N LEU B 144 -1.49 0.21 -23.58
CA LEU B 144 -1.85 -0.17 -24.94
C LEU B 144 -2.02 1.07 -25.81
N PRO B 145 -1.54 1.04 -27.05
CA PRO B 145 -1.78 2.15 -27.97
C PRO B 145 -3.22 2.17 -28.46
N GLU B 146 -3.56 3.29 -29.11
CA GLU B 146 -4.91 3.49 -29.61
C GLU B 146 -5.26 2.42 -30.64
N GLY B 147 -6.41 1.77 -30.46
CA GLY B 147 -6.86 0.72 -31.34
C GLY B 147 -6.49 -0.68 -30.92
N ALA B 148 -5.75 -0.85 -29.83
CA ALA B 148 -5.33 -2.15 -29.35
C ALA B 148 -6.09 -2.50 -28.07
N ASN B 149 -6.32 -3.79 -27.86
CA ASN B 149 -7.00 -4.25 -26.65
C ASN B 149 -6.28 -5.43 -26.00
N SER B 150 -5.06 -5.74 -26.41
CA SER B 150 -4.28 -6.82 -25.80
C SER B 150 -2.81 -6.60 -26.13
N LYS B 151 -1.97 -7.40 -25.48
CA LYS B 151 -0.53 -7.27 -25.71
C LYS B 151 -0.15 -7.64 -27.14
N ALA B 152 -0.65 -8.78 -27.64
CA ALA B 152 -0.26 -9.22 -28.98
C ALA B 152 -0.68 -8.22 -30.04
N GLU B 153 -1.88 -7.66 -29.93
CA GLU B 153 -2.32 -6.65 -30.89
C GLU B 153 -1.43 -5.41 -30.81
N GLY B 154 -1.09 -4.98 -29.59
CA GLY B 154 -0.27 -3.79 -29.46
C GLY B 154 1.12 -3.95 -30.05
N VAL B 155 1.78 -5.07 -29.75
CA VAL B 155 3.10 -5.29 -30.33
C VAL B 155 3.01 -5.48 -31.84
N ALA B 156 1.93 -6.08 -32.34
CA ALA B 156 1.80 -6.22 -33.80
C ALA B 156 1.65 -4.85 -34.46
N ILE B 157 0.81 -3.99 -33.89
CA ILE B 157 0.63 -2.64 -34.44
C ILE B 157 1.93 -1.85 -34.36
N ALA B 158 2.68 -2.02 -33.26
CA ALA B 158 3.95 -1.31 -33.15
C ALA B 158 4.97 -1.84 -34.15
N LYS B 159 4.95 -3.15 -34.40
CA LYS B 159 5.93 -3.73 -35.32
C LYS B 159 5.66 -3.33 -36.76
N GLU B 160 4.39 -3.39 -37.19
CA GLU B 160 4.07 -3.02 -38.56
C GLU B 160 4.38 -1.56 -38.85
N ARG B 161 4.40 -0.71 -37.81
CA ARG B 161 4.77 0.68 -37.95
C ARG B 161 6.25 0.93 -37.63
N ASN B 162 7.01 -0.14 -37.42
CA ASN B 162 8.46 -0.06 -37.17
C ASN B 162 8.78 0.75 -35.92
N VAL B 163 7.96 0.58 -34.88
CA VAL B 163 8.24 1.20 -33.58
C VAL B 163 8.36 0.08 -32.56
N VAL B 164 9.50 -0.59 -32.53
CA VAL B 164 9.75 -1.72 -31.65
C VAL B 164 10.91 -1.37 -30.73
N ALA B 165 10.76 -1.68 -29.45
CA ALA B 165 11.85 -1.48 -28.50
C ALA B 165 12.89 -2.57 -28.69
N THR B 166 14.16 -2.18 -28.55
CA THR B 166 15.25 -3.15 -28.67
C THR B 166 15.20 -4.18 -27.55
N ASP B 167 14.51 -3.86 -26.45
CA ASP B 167 14.37 -4.81 -25.34
C ASP B 167 13.89 -6.17 -25.83
N GLU B 168 12.94 -6.18 -26.77
CA GLU B 168 12.37 -7.41 -27.31
C GLU B 168 13.44 -8.41 -27.75
N PHE B 169 14.64 -7.93 -28.07
CA PHE B 169 15.71 -8.81 -28.52
C PHE B 169 16.92 -8.81 -27.60
N LEU B 170 17.01 -7.89 -26.64
CA LEU B 170 18.19 -7.79 -25.80
C LEU B 170 17.90 -7.91 -24.30
N LEU B 171 16.67 -7.69 -23.87
CA LEU B 171 16.30 -7.76 -22.46
C LEU B 171 15.67 -9.12 -22.19
N SER B 172 16.50 -10.07 -21.78
CA SER B 172 16.00 -11.41 -21.49
C SER B 172 15.28 -11.42 -20.13
N PRO B 173 14.10 -12.02 -20.05
CA PRO B 173 13.41 -12.14 -18.75
C PRO B 173 13.64 -13.46 -18.03
N GLU B 174 14.57 -14.29 -18.48
CA GLU B 174 14.76 -15.60 -17.87
C GLU B 174 15.09 -15.45 -16.39
N PRO B 175 14.54 -16.31 -15.52
CA PRO B 175 13.79 -17.52 -15.84
C PRO B 175 12.30 -17.30 -16.17
N TYR B 176 11.85 -16.05 -16.19
CA TYR B 176 10.44 -15.83 -16.47
C TYR B 176 10.14 -16.03 -17.95
N PRO B 177 8.92 -16.47 -18.28
CA PRO B 177 8.61 -16.71 -19.71
C PRO B 177 8.53 -15.42 -20.51
N THR B 178 7.96 -14.36 -19.95
CA THR B 178 7.82 -13.08 -20.62
C THR B 178 8.27 -11.96 -19.68
N ARG B 179 8.43 -10.76 -20.24
CA ARG B 179 8.83 -9.63 -19.42
C ARG B 179 7.68 -9.15 -18.53
N ASP B 180 6.43 -9.35 -18.96
CA ASP B 180 5.30 -8.95 -18.14
C ASP B 180 5.15 -9.84 -16.91
N ALA B 181 5.54 -11.11 -17.01
CA ALA B 181 5.51 -11.97 -15.82
C ALA B 181 6.52 -11.49 -14.78
N TRP B 182 7.75 -11.19 -15.23
CA TRP B 182 8.75 -10.60 -14.35
C TRP B 182 8.24 -9.29 -13.75
N CYS B 183 7.58 -8.47 -14.56
CA CYS B 183 7.03 -7.20 -14.08
C CYS B 183 5.99 -7.43 -13.01
N HIS B 184 5.09 -8.41 -13.21
CA HIS B 184 4.04 -8.67 -12.23
C HIS B 184 4.63 -9.18 -10.93
N GLU B 185 5.67 -10.02 -11.00
CA GLU B 185 6.30 -10.50 -9.79
C GLU B 185 6.98 -9.35 -9.04
N ARG B 186 7.67 -8.47 -9.78
CA ARG B 186 8.31 -7.30 -9.16
C ARG B 186 7.27 -6.39 -8.53
N VAL B 187 6.14 -6.19 -9.20
CA VAL B 187 5.08 -5.33 -8.67
C VAL B 187 4.51 -5.92 -7.39
N ALA B 188 4.28 -7.23 -7.37
CA ALA B 188 3.77 -7.87 -6.16
C ALA B 188 4.73 -7.67 -4.99
N ALA B 189 6.02 -7.93 -5.22
CA ALA B 189 7.00 -7.80 -4.14
C ALA B 189 7.11 -6.36 -3.65
N THR B 190 7.18 -5.41 -4.59
CA THR B 190 7.34 -4.01 -4.22
C THR B 190 6.11 -3.48 -3.49
N ARG B 191 4.91 -3.90 -3.92
CA ARG B 191 3.70 -3.50 -3.22
C ARG B 191 3.64 -4.11 -1.82
N ALA B 192 4.09 -5.36 -1.67
CA ALA B 192 4.18 -5.93 -0.34
C ALA B 192 5.08 -5.08 0.56
N ARG B 193 6.22 -4.64 0.04
CA ARG B 193 7.10 -3.80 0.85
C ARG B 193 6.48 -2.42 1.12
N LEU B 194 5.77 -1.87 0.14
CA LEU B 194 5.19 -0.54 0.29
C LEU B 194 4.03 -0.50 1.28
N GLU B 195 3.24 -1.59 1.37
CA GLU B 195 2.12 -1.59 2.30
C GLU B 195 2.59 -1.54 3.75
N GLN B 196 3.81 -1.98 4.03
CA GLN B 196 4.35 -2.02 5.38
C GLN B 196 4.88 -0.66 5.84
N LEU B 197 4.68 0.41 5.07
CA LEU B 197 5.23 1.70 5.43
C LEU B 197 4.26 2.49 6.31
N ASP B 198 4.83 3.30 7.20
CA ASP B 198 4.06 4.21 8.04
C ASP B 198 3.40 5.28 7.18
N TRP B 199 2.06 5.32 7.20
CA TRP B 199 1.34 6.23 6.31
C TRP B 199 1.65 7.69 6.61
N GLN B 201 4.57 8.97 7.05
CA GLN B 201 5.87 9.45 6.61
C GLN B 201 5.91 9.55 5.09
N PRO B 202 6.29 10.71 4.55
CA PRO B 202 6.34 10.89 3.10
C PRO B 202 7.35 9.95 2.44
N THR B 203 7.13 9.70 1.16
CA THR B 203 8.01 8.83 0.38
C THR B 203 8.49 9.57 -0.87
N VAL B 204 9.66 9.19 -1.32
CA VAL B 204 10.20 9.60 -2.61
C VAL B 204 10.28 8.34 -3.47
N LEU B 205 9.35 8.19 -4.40
CA LEU B 205 9.29 7.00 -5.23
C LEU B 205 10.26 7.14 -6.41
N VAL B 206 11.17 6.18 -6.56
CA VAL B 206 12.16 6.19 -7.63
C VAL B 206 11.94 4.96 -8.51
N ASN B 207 11.85 5.18 -9.81
CA ASN B 207 11.65 4.10 -10.78
C ASN B 207 12.06 4.63 -12.13
N HIS B 208 12.67 3.77 -12.95
CA HIS B 208 13.13 4.23 -14.26
C HIS B 208 11.96 4.67 -15.14
N PHE B 209 10.88 3.89 -15.15
CA PHE B 209 9.72 4.16 -15.99
C PHE B 209 8.70 5.01 -15.25
N PRO B 210 7.92 5.81 -15.97
CA PRO B 210 6.88 6.62 -15.32
C PRO B 210 5.84 5.73 -14.64
N LEU B 211 5.39 6.17 -13.47
CA LEU B 211 4.42 5.41 -12.69
C LEU B 211 3.00 5.55 -13.22
N LEU B 212 2.69 6.62 -13.95
CA LEU B 212 1.39 6.80 -14.57
C LEU B 212 1.57 7.16 -16.03
N ARG B 213 0.46 7.13 -16.77
CA ARG B 213 0.51 7.17 -18.23
C ARG B 213 0.74 8.57 -18.78
N GLN B 214 0.34 9.61 -18.05
CA GLN B 214 0.33 10.98 -18.57
C GLN B 214 1.64 11.41 -19.25
N PRO B 215 2.82 11.22 -18.67
CA PRO B 215 4.04 11.69 -19.36
C PRO B 215 4.22 11.06 -20.74
N CYS B 216 3.79 9.82 -20.91
CA CYS B 216 3.93 9.15 -22.21
C CYS B 216 3.20 9.89 -23.31
N ASP B 217 2.25 10.77 -22.96
CA ASP B 217 1.54 11.54 -23.98
C ASP B 217 2.46 12.51 -24.70
N ALA B 218 3.65 12.77 -24.16
CA ALA B 218 4.62 13.62 -24.84
C ALA B 218 5.49 12.88 -25.84
N LEU B 219 5.35 11.56 -25.95
CA LEU B 219 6.11 10.79 -26.93
C LEU B 219 5.71 11.19 -28.34
N PHE B 220 6.70 11.22 -29.24
CA PHE B 220 6.42 11.58 -30.62
C PHE B 220 5.49 10.58 -31.28
N TYR B 221 5.71 9.29 -31.04
CA TYR B 221 4.85 8.23 -31.54
C TYR B 221 4.31 7.42 -30.36
N PRO B 222 2.99 7.21 -30.27
CA PRO B 222 2.41 6.65 -29.04
C PRO B 222 2.66 5.17 -28.84
N GLU B 223 2.94 4.41 -29.90
CA GLU B 223 3.06 2.96 -29.77
C GLU B 223 4.14 2.58 -28.76
N PHE B 224 5.24 3.33 -28.73
CA PHE B 224 6.33 3.01 -27.81
C PHE B 224 5.90 3.00 -26.35
N SER B 225 4.77 3.61 -26.03
CA SER B 225 4.26 3.57 -24.67
C SER B 225 4.13 2.14 -24.15
N LEU B 226 4.03 1.15 -25.04
CA LEU B 226 3.98 -0.25 -24.62
C LEU B 226 5.14 -0.62 -23.72
N TRP B 227 6.32 -0.02 -23.94
CA TRP B 227 7.52 -0.35 -23.18
C TRP B 227 7.86 0.72 -22.14
N CYS B 228 6.86 1.37 -21.54
CA CYS B 228 7.09 2.52 -20.70
C CYS B 228 6.51 2.40 -19.29
N GLY B 229 5.95 1.26 -18.93
CA GLY B 229 5.47 1.08 -17.58
C GLY B 229 4.28 0.13 -17.53
N THR B 230 3.57 0.19 -16.40
CA THR B 230 2.44 -0.69 -16.15
C THR B 230 1.31 0.12 -15.51
N THR B 231 0.08 -0.31 -15.78
CA THR B 231 -1.08 0.34 -15.17
C THR B 231 -1.25 -0.02 -13.71
N LYS B 232 -0.53 -1.03 -13.21
CA LYS B 232 -0.67 -1.47 -11.82
C LYS B 232 -0.13 -0.46 -10.82
N THR B 233 0.58 0.57 -11.26
CA THR B 233 1.13 1.59 -10.38
C THR B 233 0.47 2.95 -10.59
N ALA B 234 -0.76 2.97 -11.10
CA ALA B 234 -1.39 4.24 -11.50
C ALA B 234 -1.64 5.15 -10.31
N ASP B 235 -1.91 4.60 -9.14
CA ASP B 235 -2.27 5.40 -7.97
C ASP B 235 -1.23 5.33 -6.86
N TRP B 236 -0.03 4.80 -7.13
CA TRP B 236 0.95 4.62 -6.06
C TRP B 236 1.46 5.95 -5.53
N HIS B 237 1.45 7.00 -6.36
CA HIS B 237 1.97 8.30 -5.91
C HIS B 237 1.10 8.89 -4.80
N THR B 238 -0.21 8.63 -4.85
CA THR B 238 -1.12 9.10 -3.80
C THR B 238 -1.38 8.04 -2.74
N ARG B 239 -1.46 6.77 -3.13
CA ARG B 239 -1.72 5.70 -2.17
C ARG B 239 -0.63 5.61 -1.12
N TYR B 240 0.63 5.78 -1.52
CA TYR B 240 1.76 5.63 -0.61
C TYR B 240 2.37 6.97 -0.22
N ASN B 241 1.58 8.05 -0.32
CA ASN B 241 1.92 9.37 0.20
C ASN B 241 3.31 9.82 -0.28
N ALA B 242 3.43 9.97 -1.59
CA ALA B 242 4.68 10.42 -2.19
C ALA B 242 4.70 11.93 -2.27
N VAL B 243 5.80 12.53 -1.82
CA VAL B 243 6.02 13.95 -2.03
C VAL B 243 6.73 14.23 -3.35
N CYS B 244 7.39 13.23 -3.93
CA CYS B 244 8.08 13.39 -5.19
C CYS B 244 8.24 12.03 -5.85
N SER B 245 8.13 12.01 -7.18
CA SER B 245 8.30 10.80 -7.96
C SER B 245 9.37 11.04 -9.02
N VAL B 246 10.47 10.31 -8.91
CA VAL B 246 11.62 10.48 -9.79
C VAL B 246 11.61 9.36 -10.82
N TYR B 247 11.75 9.73 -12.09
CA TYR B 247 11.78 8.76 -13.18
C TYR B 247 12.59 9.32 -14.34
N GLY B 248 12.76 8.49 -15.37
CA GLY B 248 13.46 8.91 -16.57
C GLY B 248 12.92 8.22 -17.81
N HIS B 249 13.80 7.49 -18.52
CA HIS B 249 13.43 6.63 -19.64
C HIS B 249 12.95 7.40 -20.87
N LEU B 250 11.99 8.30 -20.68
CA LEU B 250 11.37 8.99 -21.82
C LEU B 250 12.32 9.94 -22.52
N HIS B 251 13.43 10.31 -21.88
CA HIS B 251 14.36 11.32 -22.40
C HIS B 251 13.63 12.63 -22.69
N ILE B 252 12.67 12.96 -21.82
CA ILE B 252 11.96 14.24 -21.87
C ILE B 252 12.07 14.87 -20.49
N PRO B 253 13.20 15.52 -20.18
CA PRO B 253 13.42 16.00 -18.81
C PRO B 253 12.50 17.18 -18.49
N ARG B 254 11.78 17.08 -17.37
CA ARG B 254 10.86 18.15 -17.01
C ARG B 254 10.33 17.91 -15.60
N THR B 255 9.59 18.89 -15.10
CA THR B 255 8.90 18.83 -13.82
C THR B 255 7.42 19.03 -14.06
N THR B 256 6.59 18.08 -13.62
CA THR B 256 5.16 18.18 -13.76
C THR B 256 4.49 17.88 -12.42
N TRP B 257 3.18 18.07 -12.37
CA TRP B 257 2.41 17.83 -11.15
C TRP B 257 1.23 16.93 -11.48
N TYR B 258 1.04 15.89 -10.67
CA TYR B 258 -0.11 15.00 -10.80
C TYR B 258 -0.67 14.73 -9.43
N ASP B 259 -1.93 15.12 -9.20
CA ASP B 259 -2.65 14.82 -7.95
C ASP B 259 -1.88 15.32 -6.73
N GLY B 260 -1.25 16.48 -6.85
CA GLY B 260 -0.48 17.05 -5.77
C GLY B 260 0.95 16.56 -5.64
N VAL B 261 1.33 15.55 -6.40
CA VAL B 261 2.68 14.97 -6.33
C VAL B 261 3.54 15.56 -7.44
N ARG B 262 4.78 15.90 -7.09
CA ARG B 262 5.74 16.47 -8.03
C ARG B 262 6.49 15.35 -8.74
N PHE B 263 6.38 15.30 -10.07
CA PHE B 263 7.04 14.30 -10.88
C PHE B 263 8.24 14.93 -11.59
N GLU B 264 9.39 14.29 -11.49
CA GLU B 264 10.64 14.81 -12.05
C GLU B 264 11.20 13.79 -13.03
N GLU B 265 11.15 14.12 -14.32
CA GLU B 265 11.87 13.37 -15.35
C GLU B 265 13.27 13.97 -15.43
N VAL B 266 14.27 13.16 -15.05
CA VAL B 266 15.62 13.65 -14.76
C VAL B 266 16.63 13.06 -15.73
N SER B 267 16.19 12.76 -16.95
CA SER B 267 17.06 12.11 -17.92
C SER B 267 18.06 13.08 -18.51
N VAL B 268 19.23 12.56 -18.86
CA VAL B 268 20.20 13.31 -19.64
C VAL B 268 20.01 13.07 -21.14
N GLY B 269 19.95 11.81 -21.54
CA GLY B 269 19.73 11.45 -22.92
C GLY B 269 21.02 11.23 -23.69
N TYR B 270 20.86 11.05 -24.99
CA TYR B 270 21.99 10.84 -25.88
C TYR B 270 22.57 12.20 -26.30
N PRO B 271 23.86 12.23 -26.64
CA PRO B 271 24.52 13.52 -26.89
C PRO B 271 23.78 14.43 -27.87
N ARG B 272 23.30 13.89 -28.99
CA ARG B 272 22.59 14.70 -29.96
C ARG B 272 21.21 15.14 -29.49
N GLU B 273 20.71 14.57 -28.40
CA GLU B 273 19.42 14.98 -27.84
C GLU B 273 19.56 16.18 -26.93
N TRP B 274 20.52 16.15 -26.00
CA TRP B 274 20.71 17.23 -25.04
C TRP B 274 21.61 18.35 -25.57
N ARG B 275 22.20 18.20 -26.75
CA ARG B 275 22.93 19.34 -27.29
C ARG B 275 22.00 20.43 -27.79
N ARG B 276 20.79 20.07 -28.25
CA ARG B 276 19.84 21.08 -28.67
C ARG B 276 19.16 21.77 -27.49
N ARG B 277 18.94 21.04 -26.39
CA ARG B 277 18.39 21.58 -25.16
C ARG B 277 19.46 21.41 -24.07
N LYS B 278 19.88 22.51 -23.49
CA LYS B 278 20.97 22.50 -22.50
C LYS B 278 20.49 23.00 -21.16
N PRO B 279 20.26 22.12 -20.18
CA PRO B 279 19.83 22.57 -18.85
C PRO B 279 20.95 23.30 -18.13
N TYR B 280 20.55 24.15 -17.18
CA TYR B 280 21.53 24.87 -16.38
C TYR B 280 22.40 23.91 -15.58
N SER B 281 21.77 23.10 -14.73
CA SER B 281 22.49 22.05 -14.02
C SER B 281 21.93 20.70 -14.43
N TRP B 282 22.79 19.68 -14.39
CA TRP B 282 22.34 18.34 -14.75
C TRP B 282 21.58 17.69 -13.60
N LEU B 283 21.99 17.96 -12.36
CA LEU B 283 21.37 17.34 -11.20
C LEU B 283 20.05 18.03 -10.88
N ARG B 284 18.99 17.24 -10.75
CA ARG B 284 17.69 17.76 -10.35
C ARG B 284 17.55 17.67 -8.84
N GLN B 285 17.14 18.77 -8.22
CA GLN B 285 16.98 18.79 -6.77
C GLN B 285 15.69 18.11 -6.38
N VAL B 286 15.80 17.00 -5.66
CA VAL B 286 14.62 16.29 -5.17
C VAL B 286 14.22 16.78 -3.78
N LEU B 287 15.17 16.80 -2.85
CA LEU B 287 14.84 17.29 -1.51
C LEU B 287 15.96 18.19 -0.99
N PRO B 288 15.61 19.29 -0.29
CA PRO B 288 14.23 19.73 -0.03
C PRO B 288 13.60 20.36 -1.26
N ASP B 289 12.34 20.75 -1.16
CA ASP B 289 11.64 21.37 -2.28
C ASP B 289 12.41 22.60 -2.73
N PRO B 290 12.81 22.69 -4.00
CA PRO B 290 13.63 23.84 -4.42
C PRO B 290 12.85 25.14 -4.53
N GLN B 291 11.52 25.10 -4.45
CA GLN B 291 10.68 26.29 -4.52
C GLN B 291 11.00 27.13 -5.75
N TYR B 292 10.87 26.50 -6.92
CA TYR B 292 11.17 27.15 -8.18
C TYR B 292 10.31 28.38 -8.38
N ALA B 293 10.92 29.56 -8.30
CA ALA B 293 10.19 30.81 -8.46
C ALA B 293 9.66 30.94 -9.89
N PRO B 294 8.62 31.74 -10.09
CA PRO B 294 8.08 31.93 -11.44
C PRO B 294 9.14 32.48 -12.39
N GLY B 295 9.06 32.05 -13.65
CA GLY B 295 10.01 32.47 -14.66
C GLY B 295 10.81 31.32 -15.23
N VAL C 14 32.50 -1.16 24.07
CA VAL C 14 33.45 -0.85 23.01
C VAL C 14 34.70 -1.71 23.16
N GLY C 15 34.66 -2.65 24.10
CA GLY C 15 35.83 -3.48 24.38
C GLY C 15 35.67 -4.92 23.99
N ALA C 16 34.46 -5.47 24.14
CA ALA C 16 34.23 -6.89 23.86
C ALA C 16 32.71 -7.09 23.69
N GLU C 17 32.24 -6.96 22.45
CA GLU C 17 30.81 -7.06 22.21
C GLU C 17 30.42 -8.47 21.79
N PRO C 18 29.31 -9.01 22.32
CA PRO C 18 28.87 -10.34 21.92
C PRO C 18 28.48 -10.36 20.45
N THR C 19 28.63 -11.51 19.81
CA THR C 19 28.34 -11.64 18.39
C THR C 19 27.65 -12.96 18.08
N LEU C 20 26.68 -12.90 17.17
CA LEU C 20 25.99 -14.07 16.65
C LEU C 20 26.57 -14.39 15.28
N TRP C 21 27.31 -15.51 15.21
CA TRP C 21 27.99 -15.98 14.02
C TRP C 21 27.20 -17.10 13.34
N ALA C 22 27.62 -17.44 12.12
CA ALA C 22 27.02 -18.56 11.40
C ALA C 22 28.07 -19.23 10.52
N ILE C 23 27.84 -20.51 10.26
CA ILE C 23 28.69 -21.31 9.39
C ILE C 23 27.91 -22.54 8.99
N SER C 24 28.31 -23.20 7.90
CA SER C 24 27.62 -24.38 7.43
C SER C 24 28.56 -25.19 6.53
N ASP C 25 28.10 -26.40 6.19
CA ASP C 25 28.81 -27.27 5.27
C ASP C 25 30.25 -27.53 5.73
N LEU C 26 30.36 -27.92 7.01
CA LEU C 26 31.68 -28.22 7.56
C LEU C 26 32.29 -29.47 6.94
N HIS C 27 31.46 -30.49 6.70
CA HIS C 27 31.88 -31.75 6.08
C HIS C 27 33.13 -32.30 6.75
N THR C 28 33.03 -32.51 8.06
CA THR C 28 34.19 -32.86 8.87
C THR C 28 34.78 -34.21 8.51
N GLY C 29 34.00 -35.10 7.88
CA GLY C 29 34.51 -36.41 7.52
C GLY C 29 35.58 -36.37 6.44
N HIS C 30 35.57 -35.34 5.61
CA HIS C 30 36.54 -35.21 4.53
C HIS C 30 37.88 -34.71 5.05
N LEU C 31 38.96 -35.38 4.67
CA LEU C 31 40.29 -35.03 5.13
C LEU C 31 40.66 -33.63 4.66
N GLY C 32 40.91 -32.73 5.60
CA GLY C 32 41.22 -31.34 5.31
C GLY C 32 40.25 -30.35 5.91
N ASN C 33 39.06 -30.80 6.30
CA ASN C 33 38.06 -29.94 6.92
C ASN C 33 38.07 -30.03 8.44
N LYS C 34 38.86 -30.91 9.02
CA LYS C 34 38.98 -31.05 10.46
C LYS C 34 39.69 -29.85 11.09
N PRO C 35 40.76 -29.31 10.50
CA PRO C 35 41.34 -28.07 11.06
C PRO C 35 40.38 -26.89 11.04
N VAL C 36 39.61 -26.74 9.96
CA VAL C 36 38.68 -25.62 9.86
C VAL C 36 37.73 -25.60 11.04
N ALA C 37 37.06 -26.74 11.30
CA ALA C 37 36.17 -26.82 12.46
C ALA C 37 36.93 -26.57 13.76
N GLU C 38 38.19 -26.98 13.82
CA GLU C 38 38.99 -26.75 15.02
C GLU C 38 39.53 -25.33 15.11
N SER C 39 39.37 -24.53 14.07
CA SER C 39 39.82 -23.14 14.07
C SER C 39 38.68 -22.16 14.31
N LEU C 40 37.50 -22.66 14.68
CA LEU C 40 36.33 -21.82 14.91
C LEU C 40 36.30 -21.42 16.38
N TYR C 41 36.56 -20.15 16.66
CA TYR C 41 36.57 -19.63 18.00
C TYR C 41 35.73 -18.36 18.07
N PRO C 42 35.10 -18.10 19.22
CA PRO C 42 34.34 -16.87 19.38
C PRO C 42 35.25 -15.67 19.64
N SER C 43 34.62 -14.50 19.69
CA SER C 43 35.31 -13.26 20.04
C SER C 43 34.92 -12.76 21.43
N SER C 44 34.02 -13.47 22.11
CA SER C 44 33.61 -13.12 23.47
C SER C 44 32.97 -14.36 24.09
N PRO C 45 32.97 -14.45 25.43
CA PRO C 45 32.40 -15.65 26.08
C PRO C 45 30.88 -15.76 25.96
N ASP C 46 30.21 -14.83 25.28
CA ASP C 46 28.75 -14.87 25.14
C ASP C 46 28.33 -14.94 23.69
N ASP C 47 29.19 -15.46 22.83
CA ASP C 47 28.88 -15.56 21.41
C ASP C 47 28.03 -16.80 21.13
N TRP C 48 27.14 -16.66 20.16
CA TRP C 48 26.32 -17.76 19.66
C TRP C 48 26.79 -18.15 18.27
N LEU C 49 26.68 -19.44 17.95
CA LEU C 49 27.10 -19.98 16.67
C LEU C 49 25.95 -20.74 16.03
N ILE C 50 25.58 -20.32 14.82
CA ILE C 50 24.59 -21.03 14.00
C ILE C 50 25.33 -21.99 13.09
N VAL C 51 24.89 -23.24 13.06
CA VAL C 51 25.46 -24.26 12.17
C VAL C 51 24.33 -24.70 11.25
N ALA C 52 24.36 -24.21 10.00
CA ALA C 52 23.23 -24.35 9.08
C ALA C 52 23.37 -25.55 8.15
N GLY C 53 23.61 -26.74 8.71
CA GLY C 53 23.48 -27.95 7.94
C GLY C 53 24.81 -28.48 7.42
N ASP C 54 24.78 -29.76 7.02
CA ASP C 54 25.93 -30.46 6.44
C ASP C 54 27.15 -30.42 7.37
N VAL C 55 26.91 -30.68 8.66
CA VAL C 55 28.01 -30.84 9.60
C VAL C 55 28.85 -32.05 9.22
N ALA C 56 28.20 -33.20 9.05
CA ALA C 56 28.83 -34.45 8.67
C ALA C 56 27.73 -35.43 8.28
N GLU C 57 28.14 -36.65 7.93
CA GLU C 57 27.20 -37.69 7.54
C GLU C 57 26.96 -38.70 8.67
N ARG C 58 28.02 -39.31 9.18
CA ARG C 58 27.90 -40.28 10.25
C ARG C 58 27.55 -39.59 11.56
N THR C 59 26.74 -40.28 12.38
CA THR C 59 26.26 -39.69 13.63
C THR C 59 27.41 -39.36 14.57
N ASP C 60 28.45 -40.19 14.61
CA ASP C 60 29.56 -39.94 15.53
C ASP C 60 30.36 -38.72 15.11
N GLU C 61 30.52 -38.50 13.80
CA GLU C 61 31.21 -37.30 13.33
C GLU C 61 30.42 -36.04 13.67
N ILE C 62 29.10 -36.08 13.46
CA ILE C 62 28.25 -34.96 13.82
C ILE C 62 28.35 -34.66 15.31
N ARG C 63 28.31 -35.71 16.14
CA ARG C 63 28.39 -35.51 17.58
C ARG C 63 29.74 -34.93 17.98
N TRP C 64 30.83 -35.42 17.37
CA TRP C 64 32.16 -34.90 17.67
C TRP C 64 32.24 -33.42 17.33
N SER C 65 31.77 -33.03 16.15
CA SER C 65 31.85 -31.63 15.74
C SER C 65 31.01 -30.74 16.63
N LEU C 66 29.77 -31.16 16.90
CA LEU C 66 28.90 -30.34 17.74
C LEU C 66 29.41 -30.27 19.18
N ASP C 67 30.07 -31.32 19.67
CA ASP C 67 30.67 -31.27 20.99
C ASP C 67 31.85 -30.31 21.03
N LEU C 68 32.69 -30.33 19.98
CA LEU C 68 33.77 -29.37 19.90
C LEU C 68 33.24 -27.94 19.89
N LEU C 69 32.14 -27.70 19.18
CA LEU C 69 31.63 -26.34 19.05
C LEU C 69 30.91 -25.88 20.30
N ARG C 70 30.13 -26.75 20.95
CA ARG C 70 29.36 -26.33 22.12
C ARG C 70 30.24 -26.06 23.33
N ARG C 71 31.47 -26.56 23.34
CA ARG C 71 32.39 -26.28 24.44
C ARG C 71 33.16 -24.97 24.24
N ARG C 72 33.02 -24.32 23.09
CA ARG C 72 33.68 -23.06 22.82
C ARG C 72 32.71 -21.88 22.78
N PHE C 73 31.48 -22.09 22.33
CA PHE C 73 30.48 -21.04 22.20
C PHE C 73 29.43 -21.21 23.30
N ALA C 74 28.90 -20.07 23.76
CA ALA C 74 27.89 -20.10 24.82
C ALA C 74 26.63 -20.82 24.37
N LYS C 75 26.30 -20.74 23.07
CA LYS C 75 25.12 -21.41 22.55
C LYS C 75 25.37 -21.78 21.10
N VAL C 76 25.05 -23.03 20.75
CA VAL C 76 25.16 -23.53 19.38
C VAL C 76 23.76 -23.89 18.92
N ILE C 77 23.38 -23.38 17.75
CA ILE C 77 22.06 -23.60 17.16
C ILE C 77 22.27 -24.43 15.91
N TRP C 78 21.82 -25.68 15.94
CA TRP C 78 22.09 -26.61 14.85
C TRP C 78 20.85 -26.80 13.99
N VAL C 79 21.07 -26.87 12.68
CA VAL C 79 20.02 -27.14 11.71
C VAL C 79 20.49 -28.27 10.82
N PRO C 80 19.63 -29.22 10.45
CA PRO C 80 20.08 -30.34 9.62
C PRO C 80 20.23 -29.96 8.16
N GLY C 81 21.27 -30.49 7.53
CA GLY C 81 21.40 -30.48 6.09
C GLY C 81 20.98 -31.80 5.49
N ASN C 82 21.20 -31.92 4.18
CA ASN C 82 20.87 -33.18 3.51
C ASN C 82 21.82 -34.31 3.92
N HIS C 83 23.08 -33.98 4.25
CA HIS C 83 24.06 -35.01 4.54
C HIS C 83 23.85 -35.64 5.91
N GLU C 84 23.36 -34.87 6.89
CA GLU C 84 23.08 -35.45 8.20
C GLU C 84 22.00 -36.52 8.13
N LEU C 85 21.12 -36.43 7.13
CA LEU C 85 20.05 -37.40 6.95
C LEU C 85 20.46 -38.57 6.07
N TRP C 86 21.70 -38.61 5.60
CA TRP C 86 22.19 -39.77 4.87
C TRP C 86 22.44 -40.92 5.84
N THR C 87 22.14 -42.13 5.39
CA THR C 87 22.45 -43.35 6.13
C THR C 87 23.45 -44.15 5.30
N THR C 88 24.73 -44.04 5.64
CA THR C 88 25.77 -44.77 4.93
C THR C 88 26.02 -46.11 5.60
N ASN C 89 26.68 -47.01 4.85
CA ASN C 89 26.95 -48.34 5.37
C ASN C 89 27.98 -48.32 6.49
N ARG C 90 28.86 -47.33 6.51
CA ARG C 90 29.89 -47.21 7.53
C ARG C 90 29.42 -46.37 8.73
N ASP C 91 28.11 -46.21 8.90
CA ASP C 91 27.56 -45.48 10.03
C ASP C 91 27.28 -46.44 11.16
N PRO C 92 27.83 -46.22 12.36
CA PRO C 92 27.47 -47.08 13.50
C PRO C 92 25.98 -47.09 13.80
N GLN C 94 22.47 -47.38 12.04
CA GLN C 94 21.76 -47.68 10.80
C GLN C 94 20.28 -47.33 10.96
N ILE C 95 20.04 -46.03 11.04
CA ILE C 95 18.71 -45.47 11.22
C ILE C 95 18.41 -44.53 10.05
N PHE C 96 17.13 -44.43 9.70
CA PHE C 96 16.71 -43.74 8.49
C PHE C 96 15.60 -42.75 8.77
N GLY C 97 15.54 -41.69 7.96
CA GLY C 97 14.39 -40.82 7.92
C GLY C 97 14.09 -40.09 9.22
N ARG C 98 12.79 -39.98 9.52
CA ARG C 98 12.34 -39.23 10.69
C ARG C 98 12.89 -39.81 11.98
N ALA C 99 13.07 -41.13 12.05
CA ALA C 99 13.70 -41.72 13.22
C ALA C 99 15.12 -41.22 13.39
N ARG C 100 15.88 -41.15 12.29
CA ARG C 100 17.24 -40.63 12.35
C ARG C 100 17.26 -39.16 12.76
N TYR C 101 16.33 -38.37 12.22
CA TYR C 101 16.27 -36.97 12.58
C TYR C 101 15.94 -36.79 14.06
N ASP C 102 15.01 -37.58 14.58
CA ASP C 102 14.65 -37.49 15.99
C ASP C 102 15.81 -37.95 16.87
N TYR C 103 16.56 -38.95 16.43
CA TYR C 103 17.75 -39.38 17.18
C TYR C 103 18.76 -38.24 17.26
N LEU C 104 19.01 -37.56 16.13
CA LEU C 104 19.94 -36.44 16.15
C LEU C 104 19.42 -35.29 17.01
N VAL C 105 18.11 -35.03 16.97
CA VAL C 105 17.52 -33.97 17.78
C VAL C 105 17.68 -34.27 19.27
N ASN C 106 17.43 -35.51 19.67
CA ASN C 106 17.59 -35.89 21.07
C ASN C 106 19.05 -35.85 21.48
N CYS C 108 21.32 -33.78 20.28
CA CYS C 108 21.64 -32.37 20.52
C CYS C 108 21.00 -31.87 21.82
N ASP C 109 19.76 -32.29 22.10
CA ASP C 109 19.08 -31.84 23.31
C ASP C 109 19.83 -32.28 24.56
N GLU C 110 20.40 -33.48 24.55
CA GLU C 110 21.21 -33.92 25.68
C GLU C 110 22.50 -33.12 25.84
N GLY C 112 22.73 -29.64 25.19
CA GLY C 112 22.45 -28.23 25.27
C GLY C 112 22.50 -27.50 23.94
N VAL C 113 22.45 -28.23 22.83
CA VAL C 113 22.45 -27.62 21.51
C VAL C 113 21.01 -27.45 21.05
N VAL C 114 20.70 -26.27 20.51
CA VAL C 114 19.35 -25.96 20.07
C VAL C 114 19.10 -26.57 18.70
N THR C 115 17.92 -27.18 18.53
CA THR C 115 17.51 -27.82 17.29
C THR C 115 16.27 -27.11 16.75
N PRO C 116 15.81 -27.43 15.54
CA PRO C 116 14.52 -26.90 15.08
C PRO C 116 13.34 -27.32 15.95
N GLU C 117 13.51 -28.33 16.80
CA GLU C 117 12.44 -28.78 17.68
C GLU C 117 12.45 -28.10 19.04
N HIS C 118 13.50 -27.36 19.38
CA HIS C 118 13.56 -26.62 20.63
C HIS C 118 12.79 -25.31 20.50
N PRO C 119 12.51 -24.65 21.62
CA PRO C 119 11.96 -23.29 21.54
C PRO C 119 12.94 -22.36 20.86
N PHE C 120 12.41 -21.43 20.08
CA PHE C 120 13.23 -20.52 19.29
C PHE C 120 14.08 -19.64 20.21
N PRO C 121 15.41 -19.67 20.09
CA PRO C 121 16.24 -18.77 20.89
C PRO C 121 16.01 -17.32 20.50
N VAL C 122 16.32 -16.43 21.43
CA VAL C 122 16.14 -14.99 21.23
C VAL C 122 17.48 -14.31 21.46
N TRP C 123 18.00 -13.66 20.42
CA TRP C 123 19.21 -12.86 20.53
C TRP C 123 18.85 -11.51 21.14
N THR C 124 19.38 -11.23 22.33
CA THR C 124 19.02 -10.03 23.06
C THR C 124 20.17 -9.03 23.18
N GLU C 125 21.18 -9.13 22.31
CA GLU C 125 22.29 -8.20 22.35
C GLU C 125 22.16 -7.23 21.17
N ARG C 126 23.27 -6.61 20.78
CA ARG C 126 23.23 -5.65 19.68
C ARG C 126 22.67 -6.32 18.44
N GLY C 127 21.72 -5.65 17.80
CA GLY C 127 20.96 -6.20 16.69
C GLY C 127 19.49 -6.27 17.00
N GLY C 128 19.09 -5.88 18.21
CA GLY C 128 17.70 -5.85 18.59
C GLY C 128 17.22 -7.20 19.05
N PRO C 129 16.08 -7.23 19.76
CA PRO C 129 15.46 -8.51 20.10
C PRO C 129 15.09 -9.25 18.84
N ALA C 130 15.85 -10.30 18.50
CA ALA C 130 15.66 -11.04 17.27
C ALA C 130 15.45 -12.51 17.59
N THR C 131 14.38 -13.07 17.05
CA THR C 131 14.07 -14.48 17.25
C THR C 131 14.81 -15.32 16.21
N ILE C 132 15.73 -16.17 16.68
CA ILE C 132 16.45 -17.06 15.79
C ILE C 132 15.59 -18.29 15.56
N VAL C 133 15.18 -18.51 14.31
CA VAL C 133 14.29 -19.62 13.99
C VAL C 133 15.06 -20.69 13.23
N PRO C 134 15.53 -21.74 13.91
CA PRO C 134 16.20 -22.84 13.21
C PRO C 134 15.17 -23.78 12.60
N PHE C 136 13.91 -27.02 9.73
CA PHE C 136 14.15 -28.21 8.92
C PHE C 136 12.99 -28.32 7.93
N LEU C 137 13.27 -28.08 6.66
CA LEU C 137 12.24 -28.03 5.63
C LEU C 137 12.47 -28.99 4.47
N LEU C 138 13.72 -29.29 4.14
CA LEU C 138 14.09 -30.17 3.01
C LEU C 138 13.60 -29.50 1.72
N TYR C 139 13.25 -30.31 0.71
CA TYR C 139 12.87 -29.81 -0.61
C TYR C 139 11.75 -30.67 -1.16
N ASP C 140 11.06 -30.16 -2.17
CA ASP C 140 9.89 -30.84 -2.73
C ASP C 140 9.92 -30.89 -4.26
N TYR C 141 11.09 -30.71 -4.87
CA TYR C 141 11.25 -30.77 -6.33
C TYR C 141 10.43 -29.70 -7.04
N SER C 142 10.17 -28.58 -6.38
CA SER C 142 9.40 -27.50 -6.99
C SER C 142 10.28 -26.47 -7.72
N PHE C 143 11.60 -26.51 -7.51
CA PHE C 143 12.52 -25.66 -8.28
C PHE C 143 12.82 -26.34 -9.61
N LEU C 144 11.81 -26.34 -10.47
CA LEU C 144 11.89 -27.10 -11.72
C LEU C 144 12.88 -26.43 -12.66
N PRO C 145 13.69 -27.22 -13.38
CA PRO C 145 14.56 -26.63 -14.40
C PRO C 145 13.75 -26.21 -15.62
N GLU C 146 14.42 -25.46 -16.50
CA GLU C 146 13.75 -24.94 -17.69
C GLU C 146 13.25 -26.08 -18.56
N GLY C 147 12.06 -25.91 -19.13
CA GLY C 147 11.46 -26.93 -19.96
C GLY C 147 10.72 -28.01 -19.21
N ALA C 148 10.70 -27.98 -17.88
CA ALA C 148 10.05 -29.00 -17.08
C ALA C 148 8.77 -28.42 -16.47
N ASN C 149 7.78 -29.28 -16.25
CA ASN C 149 6.53 -28.84 -15.66
C ASN C 149 6.02 -29.78 -14.57
N SER C 150 6.83 -30.70 -14.10
CA SER C 150 6.43 -31.59 -13.01
C SER C 150 7.69 -32.19 -12.39
N LYS C 151 7.50 -32.89 -11.27
CA LYS C 151 8.62 -33.52 -10.59
C LYS C 151 9.26 -34.60 -11.46
N ALA C 152 8.42 -35.49 -12.02
CA ALA C 152 8.95 -36.60 -12.82
C ALA C 152 9.70 -36.10 -14.06
N GLU C 153 9.15 -35.09 -14.73
CA GLU C 153 9.81 -34.53 -15.91
C GLU C 153 11.16 -33.90 -15.55
N GLY C 154 11.19 -33.14 -14.46
CA GLY C 154 12.44 -32.52 -14.05
C GLY C 154 13.49 -33.53 -13.65
N VAL C 155 13.09 -34.54 -12.88
CA VAL C 155 14.03 -35.58 -12.45
C VAL C 155 14.53 -36.37 -13.65
N ALA C 156 13.66 -36.60 -14.65
CA ALA C 156 14.09 -37.31 -15.85
C ALA C 156 15.10 -36.48 -16.63
N ILE C 157 14.84 -35.18 -16.80
CA ILE C 157 15.79 -34.32 -17.51
C ILE C 157 17.12 -34.29 -16.78
N ALA C 158 17.09 -34.24 -15.45
CA ALA C 158 18.34 -34.24 -14.69
C ALA C 158 19.06 -35.58 -14.81
N LYS C 159 18.32 -36.68 -14.88
CA LYS C 159 18.93 -38.00 -14.95
C LYS C 159 19.60 -38.22 -16.30
N GLU C 160 18.92 -37.84 -17.39
CA GLU C 160 19.51 -38.02 -18.72
C GLU C 160 20.78 -37.21 -18.89
N ARG C 161 20.92 -36.11 -18.15
CA ARG C 161 22.12 -35.28 -18.18
C ARG C 161 23.10 -35.63 -17.07
N ASN C 162 22.85 -36.71 -16.33
CA ASN C 162 23.76 -37.20 -15.28
C ASN C 162 23.96 -36.16 -14.19
N VAL C 163 22.89 -35.45 -13.83
CA VAL C 163 22.91 -34.51 -12.71
C VAL C 163 21.91 -34.99 -11.67
N VAL C 164 22.28 -36.00 -10.89
CA VAL C 164 21.39 -36.60 -9.90
C VAL C 164 22.01 -36.43 -8.52
N ALA C 165 21.20 -36.02 -7.56
CA ALA C 165 21.65 -35.91 -6.18
C ALA C 165 21.72 -37.29 -5.54
N THR C 166 22.74 -37.49 -4.70
CA THR C 166 22.88 -38.75 -3.98
C THR C 166 21.73 -38.98 -2.99
N ASP C 167 21.04 -37.91 -2.57
CA ASP C 167 19.91 -38.06 -1.67
C ASP C 167 18.93 -39.12 -2.15
N GLU C 168 18.67 -39.14 -3.46
CA GLU C 168 17.71 -40.08 -4.05
C GLU C 168 17.95 -41.52 -3.62
N PHE C 169 19.18 -41.85 -3.21
CA PHE C 169 19.50 -43.21 -2.78
C PHE C 169 19.96 -43.30 -1.33
N LEU C 170 20.23 -42.18 -0.66
CA LEU C 170 20.75 -42.21 0.70
C LEU C 170 19.90 -41.48 1.72
N LEU C 171 19.03 -40.56 1.29
CA LEU C 171 18.18 -39.80 2.20
C LEU C 171 16.81 -40.47 2.20
N SER C 172 16.61 -41.38 3.14
CA SER C 172 15.35 -42.10 3.23
C SER C 172 14.28 -41.21 3.85
N PRO C 173 13.08 -41.17 3.28
CA PRO C 173 11.99 -40.39 3.88
C PRO C 173 11.06 -41.17 4.78
N GLU C 174 11.41 -42.40 5.14
CA GLU C 174 10.51 -43.24 5.93
C GLU C 174 10.17 -42.55 7.25
N PRO C 175 8.91 -42.60 7.69
CA PRO C 175 7.82 -43.41 7.12
C PRO C 175 7.10 -42.77 5.93
N TYR C 176 7.56 -41.59 5.48
CA TYR C 176 6.88 -40.92 4.38
C TYR C 176 7.20 -41.59 3.05
N PRO C 177 6.26 -41.55 2.10
CA PRO C 177 6.53 -42.22 0.81
C PRO C 177 7.60 -41.55 -0.02
N THR C 178 7.63 -40.22 -0.05
CA THR C 178 8.60 -39.47 -0.82
C THR C 178 9.19 -38.36 0.04
N ARG C 179 10.27 -37.75 -0.47
CA ARG C 179 10.90 -36.65 0.26
C ARG C 179 10.06 -35.39 0.21
N ASP C 180 9.27 -35.20 -0.84
CA ASP C 180 8.41 -34.03 -0.92
C ASP C 180 7.27 -34.08 0.09
N ALA C 181 6.80 -35.28 0.44
CA ALA C 181 5.79 -35.41 1.49
C ALA C 181 6.36 -34.99 2.84
N TRP C 182 7.55 -35.50 3.16
CA TRP C 182 8.25 -35.05 4.37
C TRP C 182 8.46 -33.54 4.35
N CYS C 183 8.83 -33.00 3.18
CA CYS C 183 9.03 -31.56 3.07
C CYS C 183 7.75 -30.79 3.35
N HIS C 184 6.62 -31.24 2.80
CA HIS C 184 5.37 -30.53 3.02
C HIS C 184 4.93 -30.62 4.48
N GLU C 185 5.16 -31.77 5.13
CA GLU C 185 4.83 -31.86 6.55
C GLU C 185 5.71 -30.92 7.37
N ARG C 186 7.01 -30.87 7.05
CA ARG C 186 7.91 -29.95 7.74
C ARG C 186 7.49 -28.51 7.52
N VAL C 187 7.09 -28.17 6.29
CA VAL C 187 6.68 -26.80 5.98
C VAL C 187 5.42 -26.44 6.75
N ALA C 188 4.46 -27.37 6.83
CA ALA C 188 3.23 -27.12 7.59
C ALA C 188 3.55 -26.86 9.06
N ALA C 189 4.37 -27.73 9.66
CA ALA C 189 4.70 -27.57 11.09
C ALA C 189 5.45 -26.27 11.33
N THR C 190 6.45 -25.97 10.48
CA THR C 190 7.25 -24.77 10.67
C THR C 190 6.42 -23.52 10.44
N ARG C 191 5.49 -23.54 9.48
CA ARG C 191 4.61 -22.40 9.28
C ARG C 191 3.70 -22.19 10.48
N ALA C 192 3.18 -23.29 11.04
CA ALA C 192 2.38 -23.20 12.26
C ALA C 192 3.17 -22.55 13.39
N ARG C 193 4.43 -22.97 13.58
CA ARG C 193 5.24 -22.37 14.63
C ARG C 193 5.54 -20.90 14.34
N LEU C 194 5.75 -20.56 13.06
CA LEU C 194 6.07 -19.19 12.71
C LEU C 194 4.88 -18.26 12.92
N GLU C 195 3.65 -18.75 12.72
CA GLU C 195 2.48 -17.92 12.94
C GLU C 195 2.30 -17.59 14.42
N GLN C 196 2.82 -18.43 15.31
CA GLN C 196 2.68 -18.23 16.75
C GLN C 196 3.66 -17.21 17.30
N LEU C 197 4.43 -16.55 16.46
CA LEU C 197 5.41 -15.57 16.89
C LEU C 197 4.80 -14.16 16.94
N ASP C 198 5.38 -13.32 17.80
CA ASP C 198 4.96 -11.92 17.86
C ASP C 198 5.25 -11.30 16.50
N TRP C 199 4.20 -10.91 15.80
CA TRP C 199 4.27 -10.51 14.40
C TRP C 199 5.12 -9.27 14.08
N GLN C 201 8.31 -8.62 16.07
CA GLN C 201 9.68 -8.89 16.49
C GLN C 201 10.49 -9.48 15.34
N PRO C 202 11.65 -8.91 15.00
CA PRO C 202 12.44 -9.43 13.88
C PRO C 202 12.89 -10.86 14.09
N THR C 203 13.16 -11.55 12.98
CA THR C 203 13.59 -12.93 13.01
C THR C 203 14.87 -13.12 12.22
N VAL C 204 15.64 -14.13 12.61
CA VAL C 204 16.79 -14.62 11.86
C VAL C 204 16.43 -16.02 11.38
N LEU C 205 16.12 -16.14 10.09
CA LEU C 205 15.69 -17.41 9.53
C LEU C 205 16.91 -18.27 9.21
N VAL C 206 16.95 -19.48 9.77
CA VAL C 206 18.04 -20.42 9.58
C VAL C 206 17.50 -21.68 8.90
N ASN C 207 18.11 -22.07 7.79
CA ASN C 207 17.70 -23.24 7.05
C ASN C 207 18.86 -23.64 6.13
N HIS C 208 19.08 -24.94 5.97
CA HIS C 208 20.20 -25.39 5.16
C HIS C 208 20.02 -24.97 3.71
N PHE C 209 18.83 -25.13 3.17
CA PHE C 209 18.57 -24.82 1.77
C PHE C 209 18.13 -23.37 1.62
N PRO C 210 18.41 -22.74 0.48
CA PRO C 210 17.94 -21.37 0.27
C PRO C 210 16.42 -21.31 0.28
N LEU C 211 15.89 -20.24 0.87
CA LEU C 211 14.44 -20.06 0.98
C LEU C 211 13.80 -19.60 -0.32
N LEU C 212 14.55 -18.96 -1.21
CA LEU C 212 14.04 -18.54 -2.51
C LEU C 212 14.98 -19.00 -3.61
N ARG C 213 14.50 -18.89 -4.85
CA ARG C 213 15.16 -19.53 -5.99
C ARG C 213 16.38 -18.76 -6.48
N GLN C 214 16.42 -17.45 -6.27
CA GLN C 214 17.47 -16.61 -6.86
C GLN C 214 18.89 -17.14 -6.68
N PRO C 215 19.34 -17.53 -5.47
CA PRO C 215 20.72 -18.02 -5.35
C PRO C 215 21.02 -19.23 -6.22
N CYS C 216 20.03 -20.09 -6.45
CA CYS C 216 20.25 -21.27 -7.29
C CYS C 216 20.65 -20.89 -8.71
N ASP C 217 20.41 -19.63 -9.12
CA ASP C 217 20.84 -19.20 -10.45
C ASP C 217 22.35 -19.19 -10.58
N ALA C 218 23.10 -19.25 -9.47
CA ALA C 218 24.54 -19.31 -9.51
C ALA C 218 25.09 -20.73 -9.67
N LEU C 219 24.22 -21.74 -9.70
CA LEU C 219 24.67 -23.11 -9.90
C LEU C 219 25.26 -23.27 -11.30
N PHE C 220 26.31 -24.09 -11.39
CA PHE C 220 26.94 -24.32 -12.68
C PHE C 220 26.00 -25.00 -13.66
N TYR C 221 25.24 -25.99 -13.18
CA TYR C 221 24.23 -26.66 -13.96
C TYR C 221 22.88 -26.49 -13.27
N PRO C 222 21.84 -26.04 -13.99
CA PRO C 222 20.60 -25.62 -13.30
C PRO C 222 19.75 -26.77 -12.78
N GLU C 223 19.86 -27.96 -13.38
CA GLU C 223 18.97 -29.06 -13.01
C GLU C 223 19.05 -29.38 -11.52
N PHE C 224 20.26 -29.29 -10.94
CA PHE C 224 20.44 -29.61 -9.53
C PHE C 224 19.57 -28.75 -8.62
N SER C 225 19.06 -27.61 -9.12
CA SER C 225 18.14 -26.79 -8.35
C SER C 225 16.95 -27.59 -7.84
N LEU C 226 16.63 -28.72 -8.47
CA LEU C 226 15.55 -29.57 -7.99
C LEU C 226 15.73 -29.97 -6.53
N TRP C 227 16.97 -30.12 -6.08
CA TRP C 227 17.28 -30.54 -4.71
C TRP C 227 17.76 -29.39 -3.85
N CYS C 228 17.25 -28.18 -4.07
CA CYS C 228 17.81 -27.00 -3.42
C CYS C 228 16.77 -26.18 -2.65
N GLY C 229 15.54 -26.65 -2.51
CA GLY C 229 14.57 -25.96 -1.70
C GLY C 229 13.16 -26.19 -2.21
N THR C 230 12.25 -25.32 -1.75
CA THR C 230 10.84 -25.43 -2.08
C THR C 230 10.28 -24.04 -2.37
N THR C 231 9.29 -23.99 -3.26
CA THR C 231 8.62 -22.73 -3.58
C THR C 231 7.68 -22.26 -2.47
N LYS C 232 7.35 -23.11 -1.51
CA LYS C 232 6.42 -22.72 -0.45
C LYS C 232 7.01 -21.72 0.54
N THR C 233 8.32 -21.46 0.48
CA THR C 233 8.96 -20.50 1.36
C THR C 233 9.45 -19.27 0.61
N ALA C 234 8.82 -18.97 -0.54
CA ALA C 234 9.32 -17.91 -1.41
C ALA C 234 9.21 -16.53 -0.77
N ASP C 235 8.21 -16.31 0.08
CA ASP C 235 7.98 -15.00 0.68
C ASP C 235 8.20 -14.99 2.18
N TRP C 236 8.79 -16.05 2.74
CA TRP C 236 8.92 -16.12 4.20
C TRP C 236 9.89 -15.07 4.73
N HIS C 237 10.86 -14.64 3.92
CA HIS C 237 11.82 -13.64 4.39
C HIS C 237 11.15 -12.30 4.65
N THR C 238 10.13 -11.93 3.87
CA THR C 238 9.38 -10.71 4.09
C THR C 238 8.11 -10.93 4.89
N ARG C 239 7.43 -12.07 4.69
CA ARG C 239 6.20 -12.32 5.42
C ARG C 239 6.44 -12.35 6.92
N TYR C 240 7.54 -12.96 7.35
CA TYR C 240 7.84 -13.12 8.77
C TYR C 240 8.90 -12.14 9.26
N ASN C 241 9.06 -11.02 8.56
CA ASN C 241 9.89 -9.88 8.99
C ASN C 241 11.27 -10.34 9.43
N ALA C 242 12.01 -10.88 8.47
CA ALA C 242 13.36 -11.37 8.72
C ALA C 242 14.37 -10.24 8.53
N VAL C 243 15.26 -10.07 9.51
CA VAL C 243 16.37 -9.16 9.36
C VAL C 243 17.57 -9.81 8.68
N CYS C 244 17.65 -11.14 8.72
CA CYS C 244 18.73 -11.87 8.07
C CYS C 244 18.28 -13.30 7.83
N SER C 245 18.72 -13.89 6.72
CA SER C 245 18.39 -15.25 6.35
C SER C 245 19.68 -16.02 6.12
N VAL C 246 19.94 -17.02 6.95
CA VAL C 246 21.17 -17.81 6.90
C VAL C 246 20.90 -19.14 6.21
N TYR C 247 21.74 -19.48 5.24
CA TYR C 247 21.60 -20.74 4.52
C TYR C 247 22.97 -21.18 4.03
N GLY C 248 23.03 -22.36 3.43
CA GLY C 248 24.25 -22.90 2.87
C GLY C 248 23.96 -23.79 1.68
N HIS C 249 24.40 -25.05 1.76
CA HIS C 249 24.07 -26.09 0.78
C HIS C 249 24.69 -25.85 -0.59
N LEU C 250 24.53 -24.65 -1.15
CA LEU C 250 24.98 -24.38 -2.50
C LEU C 250 26.51 -24.37 -2.61
N HIS C 251 27.21 -24.26 -1.49
CA HIS C 251 28.68 -24.13 -1.48
C HIS C 251 29.11 -22.93 -2.31
N ILE C 252 28.33 -21.86 -2.27
CA ILE C 252 28.66 -20.59 -2.89
C ILE C 252 28.57 -19.52 -1.82
N PRO C 253 29.58 -19.39 -0.96
CA PRO C 253 29.46 -18.48 0.19
C PRO C 253 29.48 -17.03 -0.25
N ARG C 254 28.48 -16.26 0.21
CA ARG C 254 28.37 -14.87 -0.20
C ARG C 254 27.29 -14.17 0.63
N THR C 255 27.19 -12.86 0.43
CA THR C 255 26.16 -12.03 1.04
C THR C 255 25.39 -11.34 -0.06
N THR C 256 24.07 -11.52 -0.08
CA THR C 256 23.20 -10.90 -1.07
C THR C 256 22.02 -10.23 -0.37
N TRP C 257 21.22 -9.53 -1.17
CA TRP C 257 20.04 -8.83 -0.64
C TRP C 257 18.83 -9.18 -1.48
N TYR C 258 17.73 -9.54 -0.82
CA TYR C 258 16.46 -9.80 -1.49
C TYR C 258 15.34 -9.12 -0.72
N ASP C 259 14.67 -8.17 -1.36
CA ASP C 259 13.49 -7.50 -0.80
C ASP C 259 13.80 -6.88 0.56
N GLY C 260 14.99 -6.29 0.70
CA GLY C 260 15.40 -5.67 1.94
C GLY C 260 16.00 -6.61 2.96
N VAL C 261 15.96 -7.92 2.73
CA VAL C 261 16.48 -8.91 3.68
C VAL C 261 17.87 -9.32 3.25
N ARG C 262 18.78 -9.42 4.23
CA ARG C 262 20.15 -9.83 3.98
C ARG C 262 20.26 -11.35 4.04
N PHE C 263 20.71 -11.95 2.94
CA PHE C 263 20.89 -13.39 2.83
C PHE C 263 22.37 -13.73 2.91
N GLU C 264 22.71 -14.70 3.75
CA GLU C 264 24.09 -15.10 4.00
C GLU C 264 24.25 -16.57 3.67
N GLU C 265 24.97 -16.87 2.58
CA GLU C 265 25.43 -18.23 2.31
C GLU C 265 26.76 -18.40 3.03
N VAL C 266 26.78 -19.29 4.02
CA VAL C 266 27.86 -19.35 5.00
C VAL C 266 28.60 -20.68 4.92
N SER C 267 28.63 -21.29 3.75
CA SER C 267 29.24 -22.61 3.60
C SER C 267 30.76 -22.54 3.61
N VAL C 268 31.37 -23.60 4.13
CA VAL C 268 32.81 -23.79 4.00
C VAL C 268 33.14 -24.63 2.77
N GLY C 269 32.48 -25.78 2.63
CA GLY C 269 32.66 -26.64 1.47
C GLY C 269 33.70 -27.72 1.69
N TYR C 270 34.00 -28.42 0.59
CA TYR C 270 35.00 -29.47 0.59
C TYR C 270 36.39 -28.88 0.41
N PRO C 271 37.42 -29.58 0.90
CA PRO C 271 38.78 -28.99 0.91
C PRO C 271 39.24 -28.42 -0.41
N ARG C 272 39.05 -29.14 -1.51
CA ARG C 272 39.50 -28.63 -2.81
C ARG C 272 38.66 -27.46 -3.31
N GLU C 273 37.53 -27.17 -2.67
CA GLU C 273 36.71 -26.03 -3.06
C GLU C 273 37.17 -24.73 -2.40
N TRP C 274 37.43 -24.76 -1.08
CA TRP C 274 37.83 -23.55 -0.39
C TRP C 274 39.34 -23.30 -0.45
N ARG C 275 40.12 -24.25 -0.95
CA ARG C 275 41.54 -24.00 -1.17
C ARG C 275 41.74 -23.07 -2.36
N ARG C 276 40.78 -23.06 -3.29
CA ARG C 276 40.80 -22.15 -4.42
C ARG C 276 40.47 -20.71 -4.03
N ARG C 277 39.80 -20.50 -2.90
CA ARG C 277 39.48 -19.16 -2.45
C ARG C 277 40.32 -18.80 -1.23
N LYS C 278 40.28 -17.52 -0.87
CA LYS C 278 40.95 -17.02 0.33
C LYS C 278 39.92 -16.26 1.16
N PRO C 279 39.27 -16.95 2.11
CA PRO C 279 38.35 -16.24 3.01
C PRO C 279 39.09 -15.54 4.14
N TYR C 280 38.50 -14.46 4.63
CA TYR C 280 39.03 -13.77 5.79
C TYR C 280 38.89 -14.68 7.01
N SER C 281 37.70 -14.69 7.60
CA SER C 281 37.34 -15.58 8.69
C SER C 281 36.27 -16.57 8.21
N TRP C 282 36.24 -17.74 8.84
CA TRP C 282 35.25 -18.74 8.47
C TRP C 282 33.88 -18.39 9.01
N LEU C 283 33.82 -17.76 10.18
CA LEU C 283 32.53 -17.42 10.78
C LEU C 283 31.97 -16.18 10.11
N ARG C 284 30.73 -16.26 9.66
CA ARG C 284 30.03 -15.13 9.07
C ARG C 284 29.28 -14.40 10.18
N GLN C 285 29.43 -13.08 10.24
CA GLN C 285 28.76 -12.30 11.26
C GLN C 285 27.31 -12.11 10.85
N VAL C 286 26.39 -12.68 11.62
CA VAL C 286 24.97 -12.49 11.39
C VAL C 286 24.44 -11.30 12.17
N LEU C 287 24.72 -11.26 13.47
CA LEU C 287 24.27 -10.10 14.25
C LEU C 287 25.38 -9.65 15.19
N PRO C 288 25.57 -8.33 15.35
CA PRO C 288 24.84 -7.27 14.66
C PRO C 288 25.30 -7.07 13.22
N ASP C 289 24.64 -6.16 12.51
CA ASP C 289 25.00 -5.88 11.13
C ASP C 289 26.47 -5.47 11.06
N PRO C 290 27.30 -6.12 10.24
CA PRO C 290 28.74 -5.82 10.26
C PRO C 290 29.10 -4.48 9.64
N GLN C 291 28.19 -3.79 8.96
CA GLN C 291 28.46 -2.48 8.37
C GLN C 291 29.70 -2.54 7.48
N TYR C 292 29.72 -3.51 6.57
CA TYR C 292 30.92 -3.79 5.79
C TYR C 292 31.34 -2.58 4.96
N ALA C 293 32.65 -2.36 4.86
CA ALA C 293 33.26 -1.28 4.12
C ALA C 293 33.45 -1.67 2.66
N PRO C 294 33.27 -0.73 1.72
CA PRO C 294 33.43 -0.99 0.28
C PRO C 294 34.85 -1.39 -0.09
N GLY D 15 -27.78 -29.01 3.71
CA GLY D 15 -29.04 -28.41 4.15
C GLY D 15 -29.88 -27.88 3.00
N ALA D 16 -29.21 -27.18 2.07
CA ALA D 16 -29.83 -26.54 0.90
C ALA D 16 -30.71 -25.35 1.28
N GLU D 17 -31.14 -25.27 2.53
CA GLU D 17 -32.05 -24.26 3.09
C GLU D 17 -31.24 -23.12 3.72
N PRO D 18 -31.72 -21.87 3.56
CA PRO D 18 -30.95 -20.73 4.06
C PRO D 18 -30.76 -20.74 5.57
N THR D 19 -29.68 -20.11 6.02
CA THR D 19 -29.30 -20.06 7.43
C THR D 19 -28.82 -18.66 7.79
N LEU D 20 -29.17 -18.23 9.00
CA LEU D 20 -28.71 -16.97 9.58
C LEU D 20 -27.59 -17.26 10.58
N TRP D 21 -26.37 -16.87 10.23
CA TRP D 21 -25.17 -17.07 11.04
C TRP D 21 -24.78 -15.80 11.77
N ALA D 22 -23.84 -15.94 12.71
CA ALA D 22 -23.29 -14.79 13.42
C ALA D 22 -21.85 -15.05 13.79
N ILE D 23 -21.08 -13.96 13.92
CA ILE D 23 -19.67 -14.02 14.31
C ILE D 23 -19.29 -12.63 14.78
N SER D 24 -18.20 -12.54 15.54
CA SER D 24 -17.77 -11.26 16.06
C SER D 24 -16.29 -11.34 16.42
N ASP D 25 -15.72 -10.18 16.73
CA ASP D 25 -14.34 -10.05 17.20
C ASP D 25 -13.36 -10.70 16.23
N LEU D 26 -13.50 -10.34 14.94
CA LEU D 26 -12.60 -10.87 13.93
C LEU D 26 -11.19 -10.33 14.10
N HIS D 27 -11.08 -9.04 14.47
CA HIS D 27 -9.80 -8.37 14.68
C HIS D 27 -8.86 -8.61 13.51
N THR D 28 -9.33 -8.19 12.33
CA THR D 28 -8.65 -8.49 11.06
C THR D 28 -7.27 -7.86 10.96
N GLY D 29 -6.97 -6.85 11.78
CA GLY D 29 -5.66 -6.23 11.70
C GLY D 29 -4.54 -7.18 12.10
N HIS D 30 -4.85 -8.18 12.91
CA HIS D 30 -3.88 -9.18 13.30
C HIS D 30 -3.73 -10.20 12.17
N LEU D 31 -2.49 -10.50 11.80
CA LEU D 31 -2.25 -11.38 10.66
C LEU D 31 -2.84 -12.77 10.89
N GLY D 32 -2.68 -13.32 12.10
CA GLY D 32 -3.19 -14.66 12.38
C GLY D 32 -4.68 -14.81 12.20
N ASN D 33 -5.43 -13.70 12.17
CA ASN D 33 -6.87 -13.72 11.98
C ASN D 33 -7.29 -13.44 10.54
N LYS D 34 -6.35 -13.14 9.65
CA LYS D 34 -6.70 -12.90 8.25
C LYS D 34 -7.17 -14.16 7.54
N PRO D 35 -6.56 -15.34 7.74
CA PRO D 35 -7.15 -16.55 7.15
C PRO D 35 -8.54 -16.85 7.66
N VAL D 36 -8.79 -16.65 8.95
CA VAL D 36 -10.10 -16.95 9.54
C VAL D 36 -11.20 -16.18 8.81
N ALA D 37 -11.04 -14.86 8.68
CA ALA D 37 -12.02 -14.06 7.97
C ALA D 37 -12.18 -14.51 6.52
N GLU D 38 -11.10 -14.99 5.90
CA GLU D 38 -11.19 -15.44 4.52
C GLU D 38 -11.78 -16.84 4.39
N SER D 39 -12.04 -17.52 5.50
CA SER D 39 -12.66 -18.84 5.47
C SER D 39 -14.15 -18.81 5.79
N LEU D 40 -14.75 -17.61 5.83
CA LEU D 40 -16.17 -17.47 6.16
C LEU D 40 -16.98 -17.54 4.87
N TYR D 41 -17.70 -18.64 4.69
CA TYR D 41 -18.52 -18.87 3.52
C TYR D 41 -19.92 -19.34 3.94
N PRO D 42 -20.93 -19.01 3.15
CA PRO D 42 -22.28 -19.47 3.46
C PRO D 42 -22.49 -20.92 3.01
N SER D 43 -23.66 -21.45 3.36
CA SER D 43 -24.08 -22.78 2.94
C SER D 43 -25.18 -22.73 1.90
N SER D 44 -25.65 -21.54 1.53
CA SER D 44 -26.67 -21.35 0.51
C SER D 44 -26.60 -19.91 0.04
N PRO D 45 -27.07 -19.62 -1.18
CA PRO D 45 -27.00 -18.24 -1.68
C PRO D 45 -27.92 -17.26 -0.98
N ASP D 46 -28.67 -17.69 0.05
CA ASP D 46 -29.61 -16.82 0.75
C ASP D 46 -29.27 -16.72 2.23
N ASP D 47 -28.01 -16.93 2.59
CA ASP D 47 -27.60 -16.86 3.98
C ASP D 47 -27.34 -15.42 4.41
N TRP D 48 -27.68 -15.11 5.65
CA TRP D 48 -27.36 -13.83 6.26
C TRP D 48 -26.27 -14.01 7.31
N LEU D 49 -25.42 -13.00 7.47
CA LEU D 49 -24.33 -13.04 8.42
C LEU D 49 -24.40 -11.81 9.32
N ILE D 50 -24.47 -12.03 10.63
CA ILE D 50 -24.37 -10.97 11.62
C ILE D 50 -22.91 -10.84 12.05
N VAL D 51 -22.40 -9.63 12.04
CA VAL D 51 -21.04 -9.35 12.50
C VAL D 51 -21.16 -8.41 13.70
N ALA D 52 -21.01 -8.96 14.90
CA ALA D 52 -21.35 -8.25 16.13
C ALA D 52 -20.14 -7.56 16.76
N GLY D 53 -19.41 -6.76 15.99
CA GLY D 53 -18.43 -5.85 16.57
C GLY D 53 -17.01 -6.37 16.50
N ASP D 54 -16.08 -5.44 16.70
CA ASP D 54 -14.63 -5.72 16.72
C ASP D 54 -14.17 -6.40 15.43
N VAL D 55 -14.64 -5.88 14.29
CA VAL D 55 -14.14 -6.34 13.00
C VAL D 55 -12.66 -6.01 12.86
N ALA D 56 -12.30 -4.76 13.11
CA ALA D 56 -10.93 -4.28 13.07
C ALA D 56 -10.88 -2.90 13.69
N GLU D 57 -9.69 -2.29 13.69
CA GLU D 57 -9.50 -0.95 14.23
C GLU D 57 -9.43 0.09 13.13
N ARG D 58 -8.50 -0.08 12.18
CA ARG D 58 -8.34 0.88 11.11
C ARG D 58 -9.52 0.81 10.14
N THR D 59 -9.89 1.99 9.60
CA THR D 59 -11.06 2.06 8.73
C THR D 59 -10.86 1.22 7.47
N ASP D 60 -9.65 1.18 6.93
CA ASP D 60 -9.42 0.42 5.70
C ASP D 60 -9.50 -1.08 5.95
N GLU D 61 -9.03 -1.54 7.11
CA GLU D 61 -9.17 -2.96 7.45
C GLU D 61 -10.63 -3.35 7.64
N ILE D 62 -11.40 -2.50 8.31
CA ILE D 62 -12.84 -2.74 8.46
C ILE D 62 -13.50 -2.80 7.08
N ARG D 63 -13.13 -1.87 6.19
CA ARG D 63 -13.72 -1.86 4.86
C ARG D 63 -13.35 -3.12 4.09
N TRP D 64 -12.09 -3.55 4.20
CA TRP D 64 -11.66 -4.78 3.54
C TRP D 64 -12.46 -5.99 4.02
N SER D 65 -12.61 -6.11 5.34
CA SER D 65 -13.32 -7.27 5.88
C SER D 65 -14.79 -7.26 5.49
N LEU D 66 -15.45 -6.11 5.62
CA LEU D 66 -16.87 -6.03 5.28
C LEU D 66 -17.10 -6.20 3.79
N ASP D 67 -16.15 -5.75 2.95
CA ASP D 67 -16.26 -5.96 1.51
C ASP D 67 -16.09 -7.43 1.17
N LEU D 68 -15.14 -8.11 1.82
CA LEU D 68 -14.98 -9.54 1.62
C LEU D 68 -16.24 -10.29 2.03
N LEU D 69 -16.87 -9.88 3.13
CA LEU D 69 -18.03 -10.62 3.62
C LEU D 69 -19.28 -10.33 2.81
N ARG D 70 -19.49 -9.08 2.37
CA ARG D 70 -20.71 -8.75 1.63
C ARG D 70 -20.70 -9.35 0.23
N ARG D 71 -19.52 -9.73 -0.28
CA ARG D 71 -19.43 -10.38 -1.58
C ARG D 71 -19.67 -11.88 -1.51
N ARG D 72 -19.77 -12.46 -0.31
CA ARG D 72 -20.03 -13.88 -0.16
C ARG D 72 -21.39 -14.19 0.41
N PHE D 73 -21.92 -13.37 1.30
CA PHE D 73 -23.20 -13.62 1.94
C PHE D 73 -24.28 -12.70 1.40
N ALA D 74 -25.49 -13.24 1.27
CA ALA D 74 -26.66 -12.44 0.91
C ALA D 74 -26.96 -11.54 2.10
N LYS D 75 -26.60 -10.26 1.98
CA LYS D 75 -26.80 -9.26 3.04
C LYS D 75 -25.91 -9.53 4.25
N VAL D 76 -25.20 -8.51 4.70
CA VAL D 76 -24.37 -8.57 5.90
C VAL D 76 -24.89 -7.53 6.89
N ILE D 77 -25.06 -7.93 8.14
CA ILE D 77 -25.57 -7.05 9.19
C ILE D 77 -24.42 -6.77 10.15
N TRP D 78 -23.93 -5.54 10.14
CA TRP D 78 -22.76 -5.14 10.92
C TRP D 78 -23.17 -4.30 12.11
N VAL D 79 -22.51 -4.53 13.24
CA VAL D 79 -22.69 -3.74 14.45
C VAL D 79 -21.31 -3.29 14.92
N PRO D 80 -21.16 -2.06 15.42
CA PRO D 80 -19.84 -1.61 15.85
C PRO D 80 -19.47 -2.16 17.22
N GLY D 81 -18.19 -2.53 17.37
CA GLY D 81 -17.60 -2.78 18.66
C GLY D 81 -16.81 -1.59 19.16
N ASN D 82 -16.13 -1.79 20.29
CA ASN D 82 -15.31 -0.71 20.84
C ASN D 82 -14.09 -0.45 19.97
N HIS D 83 -13.57 -1.48 19.29
CA HIS D 83 -12.34 -1.30 18.53
C HIS D 83 -12.57 -0.51 17.24
N GLU D 84 -13.73 -0.66 16.61
CA GLU D 84 -14.01 0.13 15.40
C GLU D 84 -14.04 1.62 15.72
N LEU D 85 -14.35 1.98 16.96
CA LEU D 85 -14.39 3.37 17.38
C LEU D 85 -13.05 3.87 17.90
N TRP D 86 -12.03 3.04 17.92
CA TRP D 86 -10.69 3.50 18.26
C TRP D 86 -10.10 4.30 17.10
N THR D 87 -9.38 5.37 17.44
CA THR D 87 -8.62 6.14 16.47
C THR D 87 -7.15 6.02 16.85
N THR D 88 -6.43 5.13 16.18
CA THR D 88 -5.03 4.89 16.45
C THR D 88 -4.15 5.79 15.58
N ASN D 89 -2.87 5.88 15.97
CA ASN D 89 -1.94 6.76 15.27
C ASN D 89 -1.64 6.25 13.87
N ARG D 90 -1.74 4.94 13.64
CA ARG D 90 -1.46 4.35 12.35
C ARG D 90 -2.71 4.20 11.48
N ASP D 91 -3.78 4.93 11.79
CA ASP D 91 -4.98 4.89 10.97
C ASP D 91 -4.91 6.01 9.94
N PRO D 92 -5.03 5.72 8.64
CA PRO D 92 -5.03 6.81 7.65
C PRO D 92 -6.14 7.82 7.88
N GLN D 94 -7.90 10.00 10.25
CA GLN D 94 -7.84 10.60 11.58
C GLN D 94 -9.18 11.24 11.92
N ILE D 95 -10.19 10.40 12.11
CA ILE D 95 -11.54 10.83 12.44
C ILE D 95 -11.91 10.21 13.79
N PHE D 96 -12.72 10.93 14.56
CA PHE D 96 -12.97 10.58 15.94
C PHE D 96 -14.46 10.59 16.27
N GLY D 97 -14.82 9.77 17.25
CA GLY D 97 -16.12 9.84 17.91
C GLY D 97 -17.31 9.61 16.99
N ARG D 98 -18.35 10.41 17.22
CA ARG D 98 -19.60 10.26 16.47
C ARG D 98 -19.38 10.47 14.99
N ALA D 99 -18.44 11.35 14.63
CA ALA D 99 -18.09 11.51 13.22
C ALA D 99 -17.53 10.22 12.65
N ARG D 100 -16.66 9.54 13.41
CA ARG D 100 -16.11 8.28 12.95
C ARG D 100 -17.21 7.22 12.82
N TYR D 101 -18.14 7.17 13.77
CA TYR D 101 -19.22 6.20 13.68
C TYR D 101 -20.10 6.47 12.46
N ASP D 102 -20.42 7.75 12.20
CA ASP D 102 -21.22 8.09 11.02
C ASP D 102 -20.47 7.78 9.74
N TYR D 103 -19.16 7.99 9.73
CA TYR D 103 -18.36 7.62 8.57
C TYR D 103 -18.42 6.13 8.31
N LEU D 104 -18.31 5.32 9.37
CA LEU D 104 -18.40 3.87 9.19
C LEU D 104 -19.79 3.46 8.72
N VAL D 105 -20.84 4.11 9.24
CA VAL D 105 -22.19 3.79 8.81
C VAL D 105 -22.39 4.11 7.33
N ASN D 106 -21.87 5.27 6.89
CA ASN D 106 -22.01 5.63 5.48
C ASN D 106 -21.19 4.70 4.59
N CYS D 108 -20.57 1.58 5.19
CA CYS D 108 -21.34 0.34 5.09
C CYS D 108 -22.55 0.51 4.17
N ASP D 109 -23.24 1.65 4.27
CA ASP D 109 -24.41 1.89 3.42
C ASP D 109 -24.03 1.90 1.95
N GLU D 110 -22.88 2.47 1.62
CA GLU D 110 -22.39 2.44 0.23
C GLU D 110 -22.00 1.03 -0.23
N GLY D 112 -24.25 -1.79 0.74
CA GLY D 112 -25.40 -2.64 0.99
C GLY D 112 -25.34 -3.38 2.30
N VAL D 113 -24.48 -2.96 3.22
CA VAL D 113 -24.35 -3.59 4.53
C VAL D 113 -25.29 -2.91 5.50
N VAL D 114 -26.02 -3.69 6.28
CA VAL D 114 -26.99 -3.16 7.23
C VAL D 114 -26.27 -2.68 8.47
N THR D 115 -26.64 -1.50 8.95
CA THR D 115 -26.05 -0.88 10.14
C THR D 115 -27.14 -0.72 11.19
N PRO D 116 -26.81 -0.31 12.42
CA PRO D 116 -27.87 0.03 13.37
C PRO D 116 -28.73 1.21 12.91
N GLU D 117 -28.29 1.96 11.92
CA GLU D 117 -29.04 3.10 11.41
C GLU D 117 -29.97 2.74 10.25
N HIS D 118 -29.84 1.56 9.69
CA HIS D 118 -30.72 1.10 8.62
C HIS D 118 -32.03 0.56 9.22
N PRO D 119 -33.05 0.36 8.38
CA PRO D 119 -34.25 -0.34 8.87
C PRO D 119 -33.92 -1.76 9.29
N PHE D 120 -34.58 -2.22 10.35
CA PHE D 120 -34.32 -3.55 10.89
C PHE D 120 -34.68 -4.62 9.86
N PRO D 121 -33.73 -5.47 9.47
CA PRO D 121 -34.06 -6.58 8.55
C PRO D 121 -34.97 -7.59 9.22
N VAL D 122 -35.68 -8.34 8.38
CA VAL D 122 -36.61 -9.37 8.84
C VAL D 122 -36.23 -10.69 8.19
N TRP D 123 -35.88 -11.67 9.03
CA TRP D 123 -35.60 -13.03 8.60
C TRP D 123 -36.94 -13.75 8.39
N THR D 124 -37.19 -14.15 7.15
CA THR D 124 -38.47 -14.71 6.72
C THR D 124 -38.37 -16.18 6.31
N GLU D 125 -37.32 -16.88 6.73
CA GLU D 125 -37.11 -18.27 6.35
C GLU D 125 -37.40 -19.20 7.54
N ARG D 126 -36.75 -20.37 7.56
CA ARG D 126 -37.02 -21.40 8.55
C ARG D 126 -36.97 -20.87 9.98
N GLY D 127 -36.10 -19.90 10.25
CA GLY D 127 -35.94 -19.40 11.61
C GLY D 127 -37.17 -18.67 12.10
N GLY D 128 -38.17 -18.56 11.23
CA GLY D 128 -39.41 -17.90 11.55
C GLY D 128 -39.26 -16.41 11.31
N PRO D 129 -40.38 -15.70 11.20
CA PRO D 129 -40.31 -14.24 11.07
C PRO D 129 -39.64 -13.60 12.28
N ALA D 130 -38.38 -13.19 12.14
CA ALA D 130 -37.63 -12.62 13.24
C ALA D 130 -37.05 -11.27 12.82
N THR D 131 -37.29 -10.23 13.62
CA THR D 131 -36.74 -8.91 13.33
C THR D 131 -35.34 -8.84 13.92
N ILE D 132 -34.34 -8.73 13.04
CA ILE D 132 -32.96 -8.60 13.48
C ILE D 132 -32.68 -7.13 13.78
N VAL D 133 -32.41 -6.82 15.04
CA VAL D 133 -32.20 -5.44 15.46
C VAL D 133 -30.71 -5.23 15.77
N PRO D 134 -29.95 -4.66 14.84
CA PRO D 134 -28.54 -4.37 15.13
C PRO D 134 -28.43 -3.09 15.95
N PHE D 136 -26.20 -0.23 18.53
CA PHE D 136 -24.99 0.43 19.01
C PHE D 136 -25.36 1.08 20.34
N LEU D 137 -24.83 0.52 21.43
CA LEU D 137 -25.20 0.96 22.77
C LEU D 137 -24.03 1.41 23.62
N LEU D 138 -22.84 0.86 23.42
CA LEU D 138 -21.65 1.20 24.20
C LEU D 138 -21.89 0.82 25.67
N TYR D 139 -21.26 1.55 26.59
CA TYR D 139 -21.32 1.26 28.02
C TYR D 139 -21.34 2.56 28.80
N ASP D 140 -21.76 2.49 30.07
CA ASP D 140 -21.92 3.68 30.89
C ASP D 140 -21.28 3.53 32.27
N TYR D 141 -20.34 2.58 32.43
CA TYR D 141 -19.62 2.37 33.68
C TYR D 141 -20.57 2.00 34.83
N SER D 142 -21.71 1.39 34.51
CA SER D 142 -22.67 0.99 35.52
C SER D 142 -22.46 -0.43 36.03
N PHE D 143 -21.62 -1.22 35.36
CA PHE D 143 -21.25 -2.55 35.85
C PHE D 143 -20.15 -2.40 36.89
N LEU D 144 -20.53 -1.88 38.04
CA LEU D 144 -19.57 -1.52 39.07
C LEU D 144 -18.97 -2.77 39.70
N PRO D 145 -17.68 -2.76 40.03
CA PRO D 145 -17.09 -3.88 40.78
C PRO D 145 -17.58 -3.88 42.22
N GLU D 146 -17.23 -4.96 42.93
CA GLU D 146 -17.73 -5.17 44.29
C GLU D 146 -17.37 -4.01 45.21
N GLY D 147 -16.12 -3.56 45.16
CA GLY D 147 -15.69 -2.48 46.00
C GLY D 147 -16.10 -1.10 45.57
N ALA D 148 -16.81 -0.97 44.45
CA ALA D 148 -17.16 0.34 43.92
C ALA D 148 -18.64 0.66 44.11
N ASN D 149 -18.90 1.97 44.21
CA ASN D 149 -20.24 2.53 44.34
C ASN D 149 -20.48 3.74 43.44
N SER D 150 -19.56 4.03 42.51
CA SER D 150 -19.74 5.13 41.56
C SER D 150 -18.77 4.90 40.40
N LYS D 151 -18.95 5.72 39.35
CA LYS D 151 -18.10 5.59 38.17
C LYS D 151 -16.65 5.95 38.49
N ALA D 152 -16.44 7.10 39.12
CA ALA D 152 -15.08 7.50 39.45
C ALA D 152 -14.44 6.50 40.39
N GLU D 153 -15.21 5.98 41.33
CA GLU D 153 -14.69 4.99 42.26
C GLU D 153 -14.23 3.75 41.51
N GLY D 154 -15.05 3.26 40.59
CA GLY D 154 -14.67 2.07 39.83
C GLY D 154 -13.45 2.31 38.96
N VAL D 155 -13.40 3.45 38.27
CA VAL D 155 -12.26 3.73 37.41
C VAL D 155 -10.98 3.87 38.23
N ALA D 156 -11.06 4.46 39.43
CA ALA D 156 -9.87 4.55 40.27
C ALA D 156 -9.41 3.16 40.72
N ILE D 157 -10.34 2.33 41.18
CA ILE D 157 -9.98 0.98 41.61
C ILE D 157 -9.36 0.19 40.47
N ALA D 158 -9.92 0.35 39.26
CA ALA D 158 -9.37 -0.34 38.10
C ALA D 158 -7.99 0.18 37.73
N LYS D 159 -7.76 1.49 37.91
CA LYS D 159 -6.48 2.07 37.52
C LYS D 159 -5.36 1.65 38.45
N GLU D 160 -5.60 1.65 39.78
CA GLU D 160 -4.52 1.29 40.68
C GLU D 160 -4.08 -0.15 40.48
N ARG D 161 -4.96 -1.02 39.99
CA ARG D 161 -4.63 -2.41 39.74
C ARG D 161 -4.20 -2.67 38.30
N ASN D 162 -4.02 -1.61 37.51
CA ASN D 162 -3.53 -1.70 36.13
C ASN D 162 -4.44 -2.56 35.26
N VAL D 163 -5.74 -2.47 35.50
CA VAL D 163 -6.73 -3.13 34.66
C VAL D 163 -7.63 -2.04 34.09
N VAL D 164 -7.13 -1.33 33.09
CA VAL D 164 -7.83 -0.21 32.47
C VAL D 164 -8.02 -0.53 30.99
N ALA D 165 -9.21 -0.24 30.49
CA ALA D 165 -9.47 -0.44 29.07
C ALA D 165 -8.78 0.65 28.26
N THR D 166 -8.24 0.25 27.10
CA THR D 166 -7.59 1.22 26.22
C THR D 166 -8.57 2.24 25.68
N ASP D 167 -9.87 1.93 25.71
CA ASP D 167 -10.89 2.88 25.25
C ASP D 167 -10.69 4.25 25.87
N GLU D 168 -10.37 4.29 27.18
CA GLU D 168 -10.18 5.54 27.90
C GLU D 168 -9.26 6.51 27.17
N PHE D 169 -8.37 6.01 26.32
CA PHE D 169 -7.45 6.85 25.58
C PHE D 169 -7.62 6.78 24.07
N LEU D 170 -8.40 5.83 23.56
CA LEU D 170 -8.55 5.67 22.12
C LEU D 170 -9.98 5.74 21.63
N LEU D 171 -10.98 5.53 22.49
CA LEU D 171 -12.38 5.60 22.09
C LEU D 171 -12.88 6.98 22.49
N SER D 172 -12.76 7.92 21.56
CA SER D 172 -13.18 9.29 21.82
C SER D 172 -14.70 9.40 21.70
N PRO D 173 -15.37 10.02 22.66
CA PRO D 173 -16.82 10.25 22.54
C PRO D 173 -17.22 11.59 21.95
N GLU D 174 -16.27 12.36 21.42
CA GLU D 174 -16.57 13.69 20.92
C GLU D 174 -17.65 13.62 19.84
N PRO D 175 -18.61 14.57 19.81
CA PRO D 175 -18.59 15.79 20.63
C PRO D 175 -19.07 15.65 22.06
N TYR D 176 -19.42 14.44 22.50
CA TYR D 176 -19.91 14.27 23.85
C TYR D 176 -18.76 14.37 24.85
N PRO D 177 -19.03 14.84 26.08
CA PRO D 177 -17.93 14.99 27.05
C PRO D 177 -17.39 13.66 27.53
N THR D 178 -18.25 12.66 27.74
CA THR D 178 -17.83 11.35 28.22
C THR D 178 -18.49 10.26 27.38
N ARG D 179 -17.99 9.04 27.55
CA ARG D 179 -18.54 7.90 26.80
C ARG D 179 -19.91 7.48 27.32
N ASP D 180 -20.19 7.69 28.60
CA ASP D 180 -21.51 7.32 29.13
C ASP D 180 -22.61 8.23 28.58
N ALA D 181 -22.28 9.49 28.25
CA ALA D 181 -23.27 10.35 27.62
C ALA D 181 -23.63 9.85 26.22
N TRP D 182 -22.61 9.50 25.43
CA TRP D 182 -22.85 8.88 24.12
C TRP D 182 -23.66 7.59 24.28
N CYS D 183 -23.34 6.79 25.30
CA CYS D 183 -24.08 5.56 25.54
C CYS D 183 -25.54 5.85 25.85
N HIS D 184 -25.81 6.85 26.68
CA HIS D 184 -27.18 7.17 27.05
C HIS D 184 -27.96 7.71 25.85
N GLU D 185 -27.32 8.50 25.00
CA GLU D 185 -27.99 8.97 23.79
C GLU D 185 -28.31 7.81 22.85
N ARG D 186 -27.36 6.89 22.68
CA ARG D 186 -27.60 5.72 21.85
C ARG D 186 -28.72 4.86 22.42
N VAL D 187 -28.74 4.71 23.75
CA VAL D 187 -29.80 3.92 24.39
C VAL D 187 -31.15 4.57 24.16
N ALA D 188 -31.21 5.91 24.26
CA ALA D 188 -32.47 6.61 24.00
C ALA D 188 -32.95 6.38 22.58
N ALA D 189 -32.08 6.54 21.59
CA ALA D 189 -32.48 6.38 20.20
C ALA D 189 -32.91 4.95 19.90
N THR D 190 -32.11 3.97 20.33
CA THR D 190 -32.43 2.58 20.07
C THR D 190 -33.68 2.16 20.83
N ARG D 191 -33.90 2.72 22.02
CA ARG D 191 -35.10 2.46 22.79
C ARG D 191 -36.33 2.99 22.07
N ALA D 192 -36.22 4.20 21.50
CA ALA D 192 -37.30 4.75 20.69
C ALA D 192 -37.63 3.83 19.52
N ARG D 193 -36.60 3.34 18.83
CA ARG D 193 -36.86 2.44 17.70
C ARG D 193 -37.46 1.11 18.17
N LEU D 194 -37.01 0.60 19.32
CA LEU D 194 -37.51 -0.68 19.81
C LEU D 194 -38.96 -0.59 20.25
N GLU D 195 -39.37 0.54 20.82
CA GLU D 195 -40.76 0.69 21.24
C GLU D 195 -41.72 0.73 20.05
N GLN D 196 -41.24 1.15 18.88
CA GLN D 196 -42.09 1.31 17.71
C GLN D 196 -42.38 0.01 16.98
N LEU D 197 -41.94 -1.13 17.49
CA LEU D 197 -42.20 -2.39 16.81
C LEU D 197 -43.49 -3.02 17.31
N ASP D 198 -44.15 -3.76 16.42
CA ASP D 198 -45.34 -4.50 16.79
C ASP D 198 -44.99 -5.60 17.79
N TRP D 199 -45.55 -5.49 19.00
CA TRP D 199 -45.18 -6.39 20.07
C TRP D 199 -45.53 -7.83 19.73
N GLN D 201 -43.62 -9.91 18.27
CA GLN D 201 -42.89 -10.36 17.09
C GLN D 201 -41.49 -10.76 17.51
N PRO D 202 -41.00 -11.94 17.13
CA PRO D 202 -39.67 -12.35 17.58
C PRO D 202 -38.60 -11.38 17.10
N THR D 203 -37.54 -11.25 17.90
CA THR D 203 -36.43 -10.37 17.59
C THR D 203 -35.11 -11.12 17.75
N VAL D 204 -34.11 -10.67 17.01
CA VAL D 204 -32.73 -11.11 17.19
C VAL D 204 -31.95 -9.90 17.67
N LEU D 205 -31.60 -9.88 18.96
CA LEU D 205 -30.90 -8.74 19.54
C LEU D 205 -29.42 -8.87 19.25
N VAL D 206 -28.86 -7.85 18.59
CA VAL D 206 -27.44 -7.82 18.23
C VAL D 206 -26.79 -6.62 18.90
N ASN D 207 -25.71 -6.87 19.63
CA ASN D 207 -24.96 -5.82 20.30
C ASN D 207 -23.59 -6.38 20.65
N HIS D 208 -22.56 -5.54 20.53
CA HIS D 208 -21.20 -6.01 20.79
C HIS D 208 -21.04 -6.44 22.25
N PHE D 209 -21.55 -5.65 23.17
CA PHE D 209 -21.43 -5.91 24.59
C PHE D 209 -22.59 -6.74 25.09
N PRO D 210 -22.39 -7.54 26.14
CA PRO D 210 -23.50 -8.30 26.71
C PRO D 210 -24.58 -7.39 27.23
N LEU D 211 -25.84 -7.80 27.04
CA LEU D 211 -26.97 -6.99 27.48
C LEU D 211 -27.20 -7.06 28.98
N LEU D 212 -26.73 -8.12 29.64
CA LEU D 212 -26.79 -8.24 31.08
C LEU D 212 -25.41 -8.64 31.60
N ARG D 213 -25.24 -8.52 32.92
CA ARG D 213 -23.92 -8.62 33.52
C ARG D 213 -23.45 -10.06 33.68
N GLN D 214 -24.36 -11.02 33.76
CA GLN D 214 -24.03 -12.40 34.11
C GLN D 214 -22.80 -12.95 33.38
N PRO D 215 -22.67 -12.84 32.05
CA PRO D 215 -21.47 -13.39 31.39
C PRO D 215 -20.16 -12.79 31.89
N CYS D 216 -20.17 -11.51 32.29
CA CYS D 216 -18.95 -10.86 32.76
C CYS D 216 -18.35 -11.54 33.98
N ASP D 217 -19.12 -12.35 34.70
CA ASP D 217 -18.59 -13.08 35.85
C ASP D 217 -17.56 -14.13 35.43
N ALA D 218 -17.47 -14.46 34.15
CA ALA D 218 -16.46 -15.39 33.67
C ALA D 218 -15.12 -14.71 33.38
N LEU D 219 -15.05 -13.39 33.53
CA LEU D 219 -13.80 -12.68 33.31
C LEU D 219 -12.76 -13.07 34.36
N PHE D 220 -11.50 -13.12 33.94
CA PHE D 220 -10.43 -13.48 34.85
C PHE D 220 -10.29 -12.45 35.97
N TYR D 221 -10.38 -11.17 35.62
CA TYR D 221 -10.36 -10.07 36.59
C TYR D 221 -11.64 -9.26 36.48
N PRO D 222 -12.35 -9.01 37.59
CA PRO D 222 -13.71 -8.46 37.48
C PRO D 222 -13.79 -6.98 37.14
N GLU D 223 -12.74 -6.19 37.41
CA GLU D 223 -12.82 -4.75 37.22
C GLU D 223 -13.16 -4.38 35.78
N PHE D 224 -12.63 -5.14 34.81
CA PHE D 224 -12.88 -4.86 33.40
C PHE D 224 -14.37 -4.87 33.07
N SER D 225 -15.20 -5.45 33.94
CA SER D 225 -16.64 -5.42 33.74
C SER D 225 -17.17 -3.99 33.58
N LEU D 226 -16.45 -3.00 34.10
CA LEU D 226 -16.86 -1.60 33.91
C LEU D 226 -17.05 -1.25 32.44
N TRP D 227 -16.27 -1.85 31.56
CA TRP D 227 -16.30 -1.53 30.13
C TRP D 227 -17.03 -2.59 29.31
N CYS D 228 -18.07 -3.21 29.86
CA CYS D 228 -18.70 -4.36 29.23
C CYS D 228 -20.20 -4.20 29.01
N GLY D 229 -20.76 -3.03 29.26
CA GLY D 229 -22.15 -2.79 28.93
C GLY D 229 -22.77 -1.78 29.88
N THR D 230 -24.11 -1.78 29.90
CA THR D 230 -24.88 -0.83 30.69
C THR D 230 -26.03 -1.56 31.36
N THR D 231 -26.41 -1.07 32.55
CA THR D 231 -27.53 -1.64 33.28
C THR D 231 -28.88 -1.26 32.69
N LYS D 232 -28.93 -0.27 31.80
CA LYS D 232 -30.20 0.18 31.24
C LYS D 232 -30.82 -0.84 30.27
N THR D 233 -30.07 -1.87 29.87
CA THR D 233 -30.57 -2.88 28.95
C THR D 233 -30.69 -4.25 29.62
N ALA D 234 -30.84 -4.28 30.94
CA ALA D 234 -30.80 -5.55 31.68
C ALA D 234 -31.97 -6.46 31.32
N ASP D 235 -33.13 -5.88 30.99
CA ASP D 235 -34.34 -6.67 30.75
C ASP D 235 -34.80 -6.62 29.29
N TRP D 236 -33.96 -6.13 28.38
CA TRP D 236 -34.39 -5.99 27.00
C TRP D 236 -34.61 -7.33 26.32
N HIS D 237 -33.92 -8.38 26.78
CA HIS D 237 -34.07 -9.70 26.15
C HIS D 237 -35.46 -10.27 26.34
N THR D 238 -36.12 -9.99 27.46
CA THR D 238 -37.49 -10.42 27.70
C THR D 238 -38.52 -9.36 27.37
N ARG D 239 -38.19 -8.09 27.59
CA ARG D 239 -39.14 -7.01 27.32
C ARG D 239 -39.51 -6.97 25.85
N TYR D 240 -38.55 -7.19 24.95
CA TYR D 240 -38.78 -7.10 23.51
C TYR D 240 -38.84 -8.46 22.83
N ASN D 241 -39.14 -9.52 23.59
CA ASN D 241 -39.45 -10.85 23.06
C ASN D 241 -38.37 -11.33 22.07
N ALA D 242 -37.17 -11.52 22.60
CA ALA D 242 -36.04 -11.97 21.81
C ALA D 242 -36.00 -13.49 21.75
N VAL D 243 -35.82 -14.03 20.54
CA VAL D 243 -35.58 -15.47 20.40
C VAL D 243 -34.10 -15.81 20.51
N CYS D 244 -33.22 -14.84 20.27
CA CYS D 244 -31.78 -15.06 20.39
C CYS D 244 -31.11 -13.71 20.57
N SER D 245 -30.05 -13.69 21.38
CA SER D 245 -29.28 -12.48 21.62
C SER D 245 -27.81 -12.76 21.29
N VAL D 246 -27.29 -12.08 20.28
CA VAL D 246 -25.94 -12.30 19.79
C VAL D 246 -25.04 -11.20 20.35
N TYR D 247 -23.91 -11.58 20.92
CA TYR D 247 -22.98 -10.60 21.47
C TYR D 247 -21.56 -11.17 21.42
N GLY D 248 -20.59 -10.34 21.80
CA GLY D 248 -19.20 -10.76 21.83
C GLY D 248 -18.39 -10.04 22.89
N HIS D 249 -17.33 -9.37 22.45
CA HIS D 249 -16.50 -8.48 23.29
C HIS D 249 -15.70 -9.24 24.34
N LEU D 250 -16.36 -10.12 25.10
CA LEU D 250 -15.70 -10.79 26.22
C LEU D 250 -14.63 -11.79 25.77
N HIS D 251 -14.63 -12.18 24.49
CA HIS D 251 -13.73 -13.21 23.97
C HIS D 251 -13.87 -14.51 24.77
N ILE D 252 -15.10 -14.81 25.17
CA ILE D 252 -15.42 -16.07 25.84
C ILE D 252 -16.55 -16.71 25.04
N PRO D 253 -16.25 -17.36 23.91
CA PRO D 253 -17.32 -17.85 23.03
C PRO D 253 -18.07 -19.00 23.66
N ARG D 254 -19.39 -18.89 23.70
CA ARG D 254 -20.22 -19.91 24.33
C ARG D 254 -21.69 -19.65 24.05
N THR D 255 -22.52 -20.59 24.47
CA THR D 255 -23.97 -20.47 24.39
C THR D 255 -24.53 -20.65 25.80
N THR D 256 -25.29 -19.66 26.27
CA THR D 256 -25.92 -19.72 27.58
C THR D 256 -27.39 -19.36 27.44
N TRP D 257 -28.13 -19.51 28.54
CA TRP D 257 -29.55 -19.17 28.57
C TRP D 257 -29.84 -18.31 29.78
N TYR D 258 -30.59 -17.23 29.55
CA TYR D 258 -31.02 -16.33 30.60
C TYR D 258 -32.51 -16.04 30.41
N ASP D 259 -33.31 -16.41 31.41
CA ASP D 259 -34.75 -16.16 31.41
C ASP D 259 -35.42 -16.78 30.18
N GLY D 260 -34.93 -17.95 29.76
CA GLY D 260 -35.45 -18.63 28.60
C GLY D 260 -34.89 -18.17 27.28
N VAL D 261 -34.10 -17.10 27.25
CA VAL D 261 -33.56 -16.54 26.01
C VAL D 261 -32.16 -17.09 25.79
N ARG D 262 -31.87 -17.47 24.55
CA ARG D 262 -30.57 -18.03 24.19
C ARG D 262 -29.60 -16.90 23.85
N PHE D 263 -28.51 -16.81 24.60
CA PHE D 263 -27.45 -15.84 24.38
C PHE D 263 -26.25 -16.54 23.78
N GLU D 264 -25.72 -15.95 22.70
CA GLU D 264 -24.61 -16.52 21.94
C GLU D 264 -23.46 -15.52 21.95
N GLU D 265 -22.39 -15.85 22.68
CA GLU D 265 -21.13 -15.13 22.56
C GLU D 265 -20.36 -15.79 21.42
N VAL D 266 -20.19 -15.05 20.32
CA VAL D 266 -19.77 -15.61 19.04
C VAL D 266 -18.42 -15.03 18.63
N SER D 267 -17.59 -14.67 19.61
CA SER D 267 -16.32 -14.04 19.31
C SER D 267 -15.31 -15.06 18.79
N VAL D 268 -14.42 -14.59 17.92
CA VAL D 268 -13.26 -15.37 17.50
C VAL D 268 -12.07 -15.11 18.41
N GLY D 269 -11.73 -13.85 18.62
CA GLY D 269 -10.64 -13.49 19.50
C GLY D 269 -9.33 -13.33 18.77
N TYR D 270 -8.28 -13.16 19.57
CA TYR D 270 -6.93 -13.02 19.05
C TYR D 270 -6.31 -14.40 18.78
N PRO D 271 -5.34 -14.47 17.86
CA PRO D 271 -4.82 -15.79 17.45
C PRO D 271 -4.41 -16.71 18.60
N ARG D 272 -3.67 -16.21 19.59
CA ARG D 272 -3.25 -17.07 20.69
C ARG D 272 -4.40 -17.44 21.62
N GLU D 273 -5.58 -16.83 21.46
CA GLU D 273 -6.72 -17.19 22.29
C GLU D 273 -7.45 -18.41 21.73
N TRP D 274 -7.76 -18.40 20.43
CA TRP D 274 -8.49 -19.51 19.83
C TRP D 274 -7.60 -20.64 19.34
N ARG D 275 -6.28 -20.46 19.32
CA ARG D 275 -5.40 -21.57 18.97
C ARG D 275 -5.29 -22.58 20.09
N ARG D 276 -5.46 -22.15 21.34
CA ARG D 276 -5.41 -23.08 22.46
C ARG D 276 -6.66 -23.95 22.52
N ARG D 277 -7.77 -23.46 22.00
CA ARG D 277 -9.01 -24.23 21.88
C ARG D 277 -9.27 -24.48 20.39
N LYS D 278 -10.49 -24.28 19.88
CA LYS D 278 -10.95 -24.34 18.50
C LYS D 278 -12.44 -24.70 18.45
N PRO D 279 -13.27 -23.85 17.89
CA PRO D 279 -14.67 -24.23 17.66
C PRO D 279 -14.73 -25.14 16.43
N TYR D 280 -15.83 -25.88 16.33
CA TYR D 280 -16.02 -26.72 15.15
C TYR D 280 -16.06 -25.85 13.90
N SER D 281 -17.04 -24.96 13.81
CA SER D 281 -17.12 -23.97 12.75
C SER D 281 -17.01 -22.58 13.36
N TRP D 282 -16.51 -21.62 12.57
CA TRP D 282 -16.40 -20.26 13.08
C TRP D 282 -17.76 -19.58 13.12
N LEU D 283 -18.62 -19.86 12.15
CA LEU D 283 -19.92 -19.23 12.11
C LEU D 283 -20.86 -19.92 13.09
N ARG D 284 -21.47 -19.13 13.96
CA ARG D 284 -22.46 -19.65 14.91
C ARG D 284 -23.84 -19.56 14.30
N GLN D 285 -24.60 -20.64 14.35
CA GLN D 285 -25.93 -20.67 13.78
C GLN D 285 -26.91 -19.96 14.73
N VAL D 286 -27.46 -18.85 14.26
CA VAL D 286 -28.48 -18.13 15.01
C VAL D 286 -29.87 -18.61 14.65
N LEU D 287 -30.17 -18.68 13.34
CA LEU D 287 -31.47 -19.16 12.93
C LEU D 287 -31.34 -20.14 11.76
N PRO D 288 -32.13 -21.23 11.76
CA PRO D 288 -33.08 -21.59 12.82
C PRO D 288 -32.38 -22.15 14.06
N ASP D 289 -33.14 -22.40 15.12
CA ASP D 289 -32.56 -22.91 16.35
C ASP D 289 -31.88 -24.25 16.14
N PRO D 290 -30.58 -24.38 16.43
CA PRO D 290 -29.90 -25.67 16.26
C PRO D 290 -30.21 -26.67 17.36
N GLN D 291 -30.90 -26.24 18.42
CA GLN D 291 -31.24 -27.10 19.56
C GLN D 291 -30.01 -27.76 20.17
#